data_4V3G
#
_entry.id   4V3G
#
_cell.length_a   42.594
_cell.length_b   105.226
_cell.length_c   111.815
_cell.angle_alpha   90.00
_cell.angle_beta   97.97
_cell.angle_gamma   90.00
#
_symmetry.space_group_name_H-M   'P 1 21 1'
#
loop_
_entity.id
_entity.type
_entity.pdbx_description
1 polymer 'CYMA PROTEIN'
2 non-polymer (HYDROXYETHYLOXY)TRI(ETHYLOXY)OCTANE
3 water water
#
_entity_poly.entity_id   1
_entity_poly.type   'polypeptide(L)'
_entity_poly.pdbx_seq_one_letter_code
;ANVRLQHHHHHHHLEASDQRGYKPEDVAFDESFFSFGGHVGTSVEYEDKVTRGFNNTDKKEKTITNEVFNFFYNNPQWNF
(MSE)GFYSFKIENREQKEPGYYENEDGIKQLFSLNKGHDLGNGWATGLIYELEYTRSKVYSPDVSGLRKNLAEHSIRPY
LTYWNNDYN(MSE)GFYSNLEYLLSKEDRNAWGKRQEQGYSALFKPYKRFGNWEVGVEFYYQIKTNDEKQPDGTINEKSD
FNERYIEPIVQYSFDDAGTLYTRVRVGKNETKNTDRSGGGNAGINYFKDIRKATVGYEQSIGESWVAKAEYEYANEVEKK
SRLSGWEARNKSELTQHTFYAQALYRF
;
_entity_poly.pdbx_strand_id   A,B
#
loop_
_chem_comp.id
_chem_comp.type
_chem_comp.name
_chem_comp.formula
C8E non-polymer (HYDROXYETHYLOXY)TRI(ETHYLOXY)OCTANE 'C16 H34 O5'
#
# COMPACT_ATOMS: atom_id res chain seq x y z
N ALA A 1 -15.02 -10.98 -10.22
CA ALA A 1 -15.10 -10.15 -9.03
C ALA A 1 -14.37 -10.82 -7.90
N ASN A 2 -13.76 -10.04 -7.02
CA ASN A 2 -13.11 -10.59 -5.84
C ASN A 2 -14.10 -10.76 -4.70
N VAL A 3 -14.35 -12.01 -4.33
CA VAL A 3 -15.42 -12.36 -3.40
C VAL A 3 -15.37 -11.58 -2.08
N ARG A 4 -14.19 -11.47 -1.47
CA ARG A 4 -14.09 -10.86 -0.15
C ARG A 4 -14.36 -9.36 -0.24
N LEU A 5 -13.84 -8.74 -1.28
CA LEU A 5 -14.07 -7.34 -1.53
C LEU A 5 -15.55 -7.01 -1.83
N GLN A 6 -16.20 -7.91 -2.57
CA GLN A 6 -17.56 -7.68 -3.02
C GLN A 6 -18.51 -7.56 -1.83
N HIS A 7 -18.24 -8.34 -0.78
CA HIS A 7 -19.03 -8.24 0.43
C HIS A 7 -18.76 -6.93 1.20
N HIS A 8 -17.57 -6.36 1.03
CA HIS A 8 -17.30 -5.08 1.60
C HIS A 8 -18.08 -3.98 0.84
N HIS A 9 -17.98 -3.97 -0.49
CA HIS A 9 -18.79 -3.08 -1.31
C HIS A 9 -20.26 -3.11 -0.91
N HIS A 10 -20.83 -4.31 -0.79
CA HIS A 10 -22.25 -4.44 -0.46
C HIS A 10 -22.62 -3.73 0.84
N HIS A 11 -21.86 -4.01 1.88
CA HIS A 11 -22.29 -3.67 3.22
C HIS A 11 -21.69 -2.32 3.68
N HIS A 12 -20.80 -1.74 2.89
CA HIS A 12 -20.38 -0.36 3.15
C HIS A 12 -21.48 0.60 2.71
N HIS A 13 -22.10 0.29 1.58
CA HIS A 13 -23.26 1.03 1.08
C HIS A 13 -24.33 1.19 2.18
N LEU A 14 -24.50 0.14 2.98
CA LEU A 14 -25.47 0.16 4.06
C LEU A 14 -25.09 1.16 5.16
N GLU A 15 -23.79 1.35 5.38
CA GLU A 15 -23.30 2.53 6.11
C GLU A 15 -23.70 3.77 5.32
N ALA A 16 -24.87 4.27 5.65
CA ALA A 16 -25.62 5.28 4.91
C ALA A 16 -26.92 5.26 5.66
N ASP A 26 -20.62 20.46 2.33
CA ASP A 26 -19.65 20.30 1.25
C ASP A 26 -18.47 21.26 1.43
N VAL A 27 -17.25 20.74 1.43
CA VAL A 27 -16.08 21.63 1.46
C VAL A 27 -15.32 21.59 0.15
N ALA A 28 -14.32 22.44 0.04
CA ALA A 28 -13.60 22.55 -1.21
C ALA A 28 -12.69 21.33 -1.37
N PHE A 29 -12.25 21.14 -2.60
CA PHE A 29 -11.45 19.98 -2.99
C PHE A 29 -10.30 19.73 -2.01
N ASP A 30 -9.55 20.79 -1.71
CA ASP A 30 -8.36 20.71 -0.87
C ASP A 30 -8.63 20.13 0.51
N GLU A 31 -9.66 20.64 1.18
CA GLU A 31 -10.02 20.08 2.48
C GLU A 31 -10.56 18.66 2.30
N SER A 32 -11.31 18.45 1.23
CA SER A 32 -11.95 17.18 0.97
C SER A 32 -10.90 16.09 0.72
N PHE A 33 -9.86 16.47 -0.01
CA PHE A 33 -8.73 15.61 -0.30
C PHE A 33 -8.08 15.00 0.96
N PHE A 34 -8.18 15.69 2.09
CA PHE A 34 -7.67 15.21 3.36
C PHE A 34 -8.76 14.61 4.25
N SER A 35 -9.90 14.25 3.69
CA SER A 35 -10.98 13.76 4.54
C SER A 35 -11.34 12.29 4.34
N PHE A 36 -10.44 11.53 3.74
CA PHE A 36 -10.68 10.11 3.55
C PHE A 36 -10.59 9.41 4.89
N GLY A 37 -11.52 8.49 5.13
CA GLY A 37 -11.36 7.54 6.21
C GLY A 37 -11.04 6.17 5.62
N GLY A 38 -11.07 5.15 6.47
CA GLY A 38 -10.91 3.79 5.99
C GLY A 38 -10.15 2.90 6.94
N HIS A 39 -9.36 1.98 6.40
CA HIS A 39 -8.55 1.14 7.26
C HIS A 39 -7.28 0.67 6.57
N VAL A 40 -6.34 0.18 7.38
CA VAL A 40 -5.17 -0.51 6.90
C VAL A 40 -5.07 -1.77 7.73
N GLY A 41 -4.78 -2.89 7.07
CA GLY A 41 -4.84 -4.16 7.75
C GLY A 41 -4.06 -5.30 7.15
N THR A 42 -4.21 -6.46 7.76
CA THR A 42 -3.40 -7.60 7.41
C THR A 42 -4.27 -8.86 7.48
N SER A 43 -3.96 -9.85 6.65
CA SER A 43 -4.67 -11.13 6.78
C SER A 43 -3.86 -12.32 6.33
N VAL A 44 -4.32 -13.48 6.77
CA VAL A 44 -3.73 -14.75 6.42
C VAL A 44 -4.86 -15.73 6.08
N GLU A 45 -4.66 -16.48 5.01
CA GLU A 45 -5.63 -17.45 4.53
C GLU A 45 -4.95 -18.80 4.25
N TYR A 46 -5.51 -19.86 4.79
CA TYR A 46 -5.00 -21.20 4.57
C TYR A 46 -6.08 -22.04 3.90
N GLU A 47 -5.71 -22.71 2.81
CA GLU A 47 -6.67 -23.45 2.00
C GLU A 47 -6.22 -24.91 1.77
N ASP A 48 -7.04 -25.83 2.21
CA ASP A 48 -6.72 -27.25 2.11
C ASP A 48 -7.65 -27.91 1.08
N LYS A 49 -7.07 -28.30 -0.06
CA LYS A 49 -7.77 -28.82 -1.26
C LYS A 49 -7.50 -30.29 -1.56
N VAL A 50 -8.51 -31.15 -1.53
CA VAL A 50 -8.34 -32.50 -2.06
C VAL A 50 -9.29 -32.72 -3.21
N THR A 51 -8.74 -33.07 -4.36
CA THR A 51 -9.55 -33.43 -5.52
C THR A 51 -9.30 -34.89 -5.95
N ARG A 52 -10.36 -35.69 -5.88
CA ARG A 52 -10.37 -37.03 -6.44
C ARG A 52 -10.91 -36.95 -7.85
N GLY A 53 -10.02 -36.94 -8.84
CA GLY A 53 -10.43 -36.75 -10.21
C GLY A 53 -10.94 -37.98 -10.94
N PHE A 54 -10.99 -37.87 -12.27
CA PHE A 54 -11.49 -38.95 -13.14
C PHE A 54 -10.57 -40.18 -13.13
N ASN A 55 -9.30 -39.93 -12.84
CA ASN A 55 -8.32 -40.99 -12.56
C ASN A 55 -8.54 -41.78 -11.27
N ASN A 56 -9.59 -41.45 -10.50
CA ASN A 56 -9.83 -42.02 -9.15
C ASN A 56 -8.64 -41.89 -8.18
N THR A 57 -7.81 -40.87 -8.35
CA THR A 57 -6.73 -40.63 -7.39
C THR A 57 -6.77 -39.21 -6.80
N ASP A 58 -6.09 -39.04 -5.68
CA ASP A 58 -6.13 -37.81 -4.89
C ASP A 58 -5.08 -36.79 -5.29
N LYS A 59 -5.53 -35.64 -5.75
CA LYS A 59 -4.69 -34.48 -5.97
C LYS A 59 -4.86 -33.57 -4.76
N LYS A 60 -3.82 -33.46 -3.94
CA LYS A 60 -3.86 -32.63 -2.73
C LYS A 60 -3.08 -31.33 -2.89
N GLU A 61 -3.72 -30.25 -2.49
CA GLU A 61 -3.18 -28.92 -2.66
C GLU A 61 -3.30 -28.12 -1.37
N LYS A 62 -2.24 -27.39 -1.07
CA LYS A 62 -2.21 -26.56 0.12
C LYS A 62 -1.71 -25.17 -0.25
N THR A 63 -2.44 -24.16 0.17
CA THR A 63 -2.12 -22.79 -0.20
C THR A 63 -2.17 -21.88 1.01
N ILE A 64 -1.10 -21.11 1.18
CA ILE A 64 -1.10 -20.12 2.21
C ILE A 64 -1.02 -18.77 1.50
N THR A 65 -1.85 -17.82 1.96
CA THR A 65 -1.90 -16.49 1.37
C THR A 65 -1.61 -15.45 2.45
N ASN A 66 -0.58 -14.65 2.22
CA ASN A 66 -0.19 -13.67 3.21
C ASN A 66 -0.50 -12.29 2.68
N GLU A 67 -1.52 -11.65 3.25
CA GLU A 67 -1.88 -10.33 2.77
C GLU A 67 -1.14 -9.31 3.65
N VAL A 68 -0.05 -8.77 3.11
CA VAL A 68 0.83 -7.98 3.95
C VAL A 68 0.23 -6.61 4.14
N PHE A 69 -0.66 -6.22 3.23
CA PHE A 69 -1.23 -4.91 3.27
C PHE A 69 -2.54 -4.86 2.53
N ASN A 70 -3.59 -4.50 3.24
CA ASN A 70 -4.82 -4.19 2.54
C ASN A 70 -5.34 -2.84 3.03
N PHE A 71 -5.64 -2.01 2.05
CA PHE A 71 -5.87 -0.60 2.24
C PHE A 71 -7.26 -0.23 1.72
N PHE A 72 -8.14 0.12 2.65
CA PHE A 72 -9.44 0.68 2.30
C PHE A 72 -9.47 2.20 2.53
N TYR A 73 -9.86 2.93 1.50
CA TYR A 73 -10.00 4.36 1.67
C TYR A 73 -11.28 4.85 1.02
N ASN A 74 -11.96 5.77 1.68
CA ASN A 74 -13.15 6.29 1.10
C ASN A 74 -13.45 7.70 1.60
N ASN A 75 -14.12 8.41 0.71
CA ASN A 75 -14.48 9.78 0.92
C ASN A 75 -15.98 9.95 0.73
N PRO A 76 -16.72 10.05 1.84
CA PRO A 76 -18.17 10.26 1.87
C PRO A 76 -18.68 11.42 0.99
N GLN A 77 -18.04 12.58 1.08
CA GLN A 77 -18.50 13.74 0.31
C GLN A 77 -18.40 13.42 -1.18
N TRP A 78 -17.33 12.73 -1.55
CA TRP A 78 -17.08 12.38 -2.95
C TRP A 78 -17.90 11.17 -3.41
N ASN A 79 -18.52 10.47 -2.46
CA ASN A 79 -19.12 9.18 -2.74
C ASN A 79 -18.17 8.27 -3.54
N PHE A 80 -17.00 8.06 -2.97
CA PHE A 80 -15.93 7.38 -3.65
C PHE A 80 -15.14 6.53 -2.67
N MSE A 81 -14.95 5.25 -3.02
CA MSE A 81 -14.10 4.34 -2.26
C MSE A 81 -13.06 3.65 -3.12
O MSE A 81 -13.23 3.49 -4.33
CB MSE A 81 -14.89 3.24 -1.54
CG MSE A 81 -16.25 3.53 -1.04
SE MSE A 81 -17.05 1.82 -0.65
CE MSE A 81 -15.76 0.77 -1.68
N GLY A 82 -12.00 3.20 -2.48
CA GLY A 82 -10.94 2.51 -3.18
C GLY A 82 -10.35 1.42 -2.32
N PHE A 83 -9.62 0.53 -2.96
CA PHE A 83 -9.02 -0.56 -2.24
C PHE A 83 -7.77 -0.99 -2.95
N TYR A 84 -6.73 -1.24 -2.16
CA TYR A 84 -5.51 -1.81 -2.67
C TYR A 84 -5.11 -2.99 -1.80
N SER A 85 -4.52 -4.01 -2.43
CA SER A 85 -4.10 -5.20 -1.70
C SER A 85 -2.79 -5.77 -2.23
N PHE A 86 -1.95 -6.25 -1.32
CA PHE A 86 -0.71 -6.91 -1.71
C PHE A 86 -0.65 -8.25 -1.01
N LYS A 87 -0.49 -9.31 -1.79
CA LYS A 87 -0.46 -10.67 -1.24
C LYS A 87 0.71 -11.47 -1.78
N ILE A 88 1.32 -12.24 -0.88
CA ILE A 88 2.26 -13.25 -1.27
C ILE A 88 1.53 -14.60 -1.19
N GLU A 89 1.74 -15.44 -2.21
CA GLU A 89 1.00 -16.70 -2.30
C GLU A 89 1.93 -17.87 -2.54
N ASN A 90 1.79 -18.90 -1.71
CA ASN A 90 2.56 -20.14 -1.85
C ASN A 90 1.61 -21.35 -1.93
N ARG A 91 1.77 -22.14 -2.99
CA ARG A 91 0.94 -23.32 -3.20
C ARG A 91 1.83 -24.51 -3.41
N GLU A 92 1.54 -25.60 -2.71
CA GLU A 92 2.13 -26.91 -2.98
C GLU A 92 1.02 -27.86 -3.39
N GLN A 93 1.31 -28.62 -4.43
CA GLN A 93 0.38 -29.58 -4.99
C GLN A 93 1.06 -30.94 -5.00
N LYS A 94 0.39 -31.95 -4.47
CA LYS A 94 0.91 -33.31 -4.52
C LYS A 94 -0.13 -34.28 -5.07
N GLU A 95 0.33 -35.19 -5.92
CA GLU A 95 -0.50 -36.27 -6.42
C GLU A 95 0.41 -37.46 -6.74
N PRO A 96 -0.16 -38.66 -6.94
CA PRO A 96 0.69 -39.79 -7.33
C PRO A 96 1.56 -39.51 -8.58
N GLY A 97 2.87 -39.59 -8.44
CA GLY A 97 3.77 -39.43 -9.57
C GLY A 97 4.00 -38.02 -10.08
N TYR A 98 3.58 -37.01 -9.31
CA TYR A 98 3.75 -35.61 -9.71
C TYR A 98 3.75 -34.69 -8.48
N TYR A 99 4.31 -33.49 -8.65
CA TYR A 99 4.21 -32.41 -7.66
C TYR A 99 4.34 -31.11 -8.41
N GLU A 100 4.01 -30.02 -7.72
CA GLU A 100 3.99 -28.71 -8.34
C GLU A 100 4.03 -27.68 -7.20
N ASN A 101 5.06 -26.84 -7.19
CA ASN A 101 5.12 -25.75 -6.20
C ASN A 101 4.99 -24.39 -6.90
N GLU A 102 4.12 -23.52 -6.40
CA GLU A 102 3.90 -22.24 -7.06
C GLU A 102 3.95 -21.06 -6.09
N ASP A 103 4.81 -20.08 -6.37
CA ASP A 103 4.96 -18.92 -5.48
C ASP A 103 4.55 -17.69 -6.24
N GLY A 104 3.77 -16.81 -5.62
CA GLY A 104 3.32 -15.65 -6.35
C GLY A 104 3.06 -14.41 -5.56
N ILE A 105 3.10 -13.29 -6.27
CA ILE A 105 2.64 -12.02 -5.74
C ILE A 105 1.38 -11.55 -6.44
N LYS A 106 0.38 -11.20 -5.64
CA LYS A 106 -0.92 -10.79 -6.14
C LYS A 106 -1.27 -9.37 -5.69
N GLN A 107 -1.54 -8.49 -6.64
CA GLN A 107 -2.00 -7.15 -6.30
C GLN A 107 -3.45 -6.95 -6.70
N LEU A 108 -4.19 -6.21 -5.88
CA LEU A 108 -5.57 -5.89 -6.19
C LEU A 108 -5.82 -4.38 -6.14
N PHE A 109 -6.42 -3.85 -7.21
CA PHE A 109 -6.88 -2.47 -7.26
C PHE A 109 -8.37 -2.43 -7.50
N SER A 110 -9.11 -1.70 -6.66
CA SER A 110 -10.54 -1.55 -6.84
C SER A 110 -10.99 -0.09 -6.66
N LEU A 111 -11.74 0.43 -7.62
CA LEU A 111 -12.30 1.78 -7.49
C LEU A 111 -13.82 1.72 -7.53
N ASN A 112 -14.45 2.43 -6.61
CA ASN A 112 -15.91 2.56 -6.60
C ASN A 112 -16.37 4.02 -6.59
N LYS A 113 -17.04 4.43 -7.67
CA LYS A 113 -17.68 5.72 -7.73
C LYS A 113 -19.22 5.62 -7.66
N GLY A 114 -19.80 6.10 -6.57
CA GLY A 114 -21.25 6.02 -6.41
C GLY A 114 -21.97 7.32 -6.76
N HIS A 115 -23.28 7.27 -6.83
CA HIS A 115 -24.11 8.46 -7.03
CA HIS A 115 -24.10 8.46 -6.99
C HIS A 115 -25.47 8.28 -6.36
N ASP A 116 -25.81 9.21 -5.48
CA ASP A 116 -27.10 9.21 -4.78
C ASP A 116 -28.17 9.72 -5.73
N LEU A 117 -29.18 8.90 -5.99
CA LEU A 117 -30.28 9.27 -6.88
C LEU A 117 -31.51 9.77 -6.09
N GLY A 118 -31.44 9.75 -4.76
CA GLY A 118 -32.54 10.20 -3.91
C GLY A 118 -33.61 9.15 -3.65
N ASN A 119 -34.26 9.29 -2.50
CA ASN A 119 -35.37 8.42 -2.07
C ASN A 119 -35.00 6.94 -1.99
N GLY A 120 -33.76 6.65 -1.63
CA GLY A 120 -33.35 5.28 -1.39
C GLY A 120 -32.48 4.69 -2.48
N TRP A 121 -32.59 5.27 -3.67
CA TRP A 121 -31.86 4.77 -4.84
C TRP A 121 -30.44 5.31 -4.91
N ALA A 122 -29.53 4.47 -5.39
CA ALA A 122 -28.18 4.87 -5.73
C ALA A 122 -27.67 3.96 -6.84
N THR A 123 -26.65 4.43 -7.53
CA THR A 123 -26.08 3.73 -8.65
C THR A 123 -24.60 4.07 -8.66
N GLY A 124 -23.82 3.32 -9.41
CA GLY A 124 -22.41 3.59 -9.49
C GLY A 124 -21.65 2.65 -10.37
N LEU A 125 -20.36 2.91 -10.52
CA LEU A 125 -19.46 2.07 -11.28
C LEU A 125 -18.34 1.52 -10.41
N ILE A 126 -18.16 0.21 -10.44
CA ILE A 126 -16.96 -0.40 -9.87
C ILE A 126 -16.00 -0.82 -10.98
N TYR A 127 -14.74 -0.40 -10.87
CA TYR A 127 -13.65 -0.96 -11.69
C TYR A 127 -12.60 -1.64 -10.80
N GLU A 128 -12.23 -2.87 -11.14
CA GLU A 128 -11.40 -3.70 -10.28
C GLU A 128 -10.38 -4.50 -11.09
N LEU A 129 -9.16 -4.55 -10.57
CA LEU A 129 -8.01 -5.06 -11.27
C LEU A 129 -7.17 -5.94 -10.34
N GLU A 130 -6.96 -7.19 -10.73
CA GLU A 130 -6.12 -8.08 -9.99
C GLU A 130 -5.02 -8.63 -10.92
N TYR A 131 -3.78 -8.34 -10.55
CA TYR A 131 -2.59 -8.81 -11.26
C TYR A 131 -1.91 -9.83 -10.38
N THR A 132 -1.49 -10.93 -10.98
CA THR A 132 -0.81 -11.98 -10.24
C THR A 132 0.35 -12.44 -11.09
N ARG A 133 1.51 -12.54 -10.47
CA ARG A 133 2.66 -13.05 -11.16
C ARG A 133 3.26 -14.16 -10.31
N SER A 134 3.68 -15.24 -10.94
CA SER A 134 4.10 -16.40 -10.19
C SER A 134 5.09 -17.26 -10.96
N LYS A 135 5.78 -18.13 -10.22
CA LYS A 135 6.74 -19.05 -10.80
C LYS A 135 6.40 -20.45 -10.32
N VAL A 136 6.45 -21.41 -11.25
CA VAL A 136 6.10 -22.80 -10.97
C VAL A 136 7.28 -23.75 -11.05
N TYR A 137 7.34 -24.65 -10.08
CA TYR A 137 8.40 -25.66 -10.04
C TYR A 137 7.80 -27.06 -10.03
N SER A 138 8.21 -27.88 -10.99
CA SER A 138 7.76 -29.25 -11.10
C SER A 138 8.91 -30.11 -11.58
N PRO A 139 8.74 -31.45 -11.61
CA PRO A 139 9.76 -32.28 -12.24
C PRO A 139 10.11 -31.86 -13.66
N ASP A 140 9.12 -31.39 -14.41
CA ASP A 140 9.30 -31.08 -15.83
C ASP A 140 9.71 -29.63 -16.06
N VAL A 141 9.45 -28.78 -15.08
CA VAL A 141 9.62 -27.34 -15.25
C VAL A 141 10.30 -26.71 -14.03
N SER A 142 11.17 -25.74 -14.26
CA SER A 142 11.79 -25.05 -13.14
C SER A 142 11.69 -23.53 -13.31
N GLY A 143 10.71 -22.94 -12.64
CA GLY A 143 10.56 -21.49 -12.67
C GLY A 143 9.77 -20.97 -13.86
N LEU A 144 8.75 -21.71 -14.27
CA LEU A 144 7.89 -21.26 -15.34
C LEU A 144 7.05 -20.07 -14.87
N ARG A 145 7.12 -18.98 -15.63
CA ARG A 145 6.46 -17.73 -15.27
C ARG A 145 5.01 -17.66 -15.78
N LYS A 146 4.11 -17.28 -14.89
CA LYS A 146 2.71 -17.09 -15.24
C LYS A 146 2.27 -15.69 -14.85
N ASN A 147 1.59 -15.01 -15.76
CA ASN A 147 1.11 -13.66 -15.51
C ASN A 147 -0.39 -13.58 -15.70
N LEU A 148 -1.12 -13.26 -14.63
CA LEU A 148 -2.57 -13.21 -14.70
C LEU A 148 -3.10 -11.79 -14.56
N ALA A 149 -3.91 -11.37 -15.52
CA ALA A 149 -4.59 -10.09 -15.43
C ALA A 149 -6.10 -10.31 -15.46
N GLU A 150 -6.79 -9.87 -14.42
CA GLU A 150 -8.22 -10.09 -14.31
C GLU A 150 -8.95 -8.78 -14.15
N HIS A 151 -9.73 -8.42 -15.16
CA HIS A 151 -10.41 -7.13 -15.18
C HIS A 151 -11.89 -7.34 -14.93
N SER A 152 -12.45 -6.50 -14.06
CA SER A 152 -13.83 -6.61 -13.64
C SER A 152 -14.47 -5.20 -13.62
N ILE A 153 -15.49 -5.02 -14.46
CA ILE A 153 -16.20 -3.77 -14.52
C ILE A 153 -17.68 -4.00 -14.17
N ARG A 154 -18.13 -3.35 -13.10
CA ARG A 154 -19.47 -3.62 -12.57
C ARG A 154 -20.33 -2.38 -12.32
N PRO A 155 -21.24 -2.09 -13.23
CA PRO A 155 -22.22 -1.05 -12.90
C PRO A 155 -23.29 -1.60 -11.96
N TYR A 156 -23.63 -0.88 -10.90
CA TYR A 156 -24.58 -1.41 -9.94
C TYR A 156 -25.69 -0.41 -9.65
N LEU A 157 -26.72 -0.92 -8.98
CA LEU A 157 -27.93 -0.19 -8.69
C LEU A 157 -28.49 -0.71 -7.38
N THR A 158 -28.72 0.18 -6.43
CA THR A 158 -29.18 -0.22 -5.11
C THR A 158 -30.41 0.53 -4.65
N TYR A 159 -31.09 -0.03 -3.66
CA TYR A 159 -32.22 0.63 -3.10
C TYR A 159 -32.33 0.23 -1.63
N TRP A 160 -32.62 1.22 -0.77
CA TRP A 160 -32.91 0.93 0.62
C TRP A 160 -34.14 1.67 1.10
N ASN A 161 -34.97 0.97 1.84
CA ASN A 161 -36.18 1.55 2.42
C ASN A 161 -36.16 1.55 3.95
N ASN A 162 -36.13 2.75 4.55
CA ASN A 162 -36.06 2.87 6.02
C ASN A 162 -37.31 2.43 6.78
N ASP A 163 -38.47 2.60 6.19
CA ASP A 163 -39.71 2.23 6.87
C ASP A 163 -39.82 0.72 7.05
N TYR A 164 -39.25 -0.02 6.11
CA TYR A 164 -39.30 -1.47 6.19
C TYR A 164 -37.93 -2.09 6.42
N ASN A 165 -36.88 -1.27 6.44
CA ASN A 165 -35.49 -1.72 6.57
C ASN A 165 -35.20 -2.89 5.64
N MSE A 166 -35.56 -2.70 4.38
CA MSE A 166 -35.27 -3.67 3.33
C MSE A 166 -34.78 -2.96 2.10
O MSE A 166 -35.04 -1.78 1.92
CB MSE A 166 -36.50 -4.46 2.94
CG MSE A 166 -37.24 -5.08 4.05
SE MSE A 166 -38.90 -5.67 3.26
CE MSE A 166 -38.18 -7.09 2.13
N GLY A 167 -34.12 -3.70 1.22
CA GLY A 167 -33.63 -3.15 -0.02
C GLY A 167 -32.96 -4.26 -0.82
N PHE A 168 -32.13 -3.89 -1.78
CA PHE A 168 -31.38 -4.85 -2.55
C PHE A 168 -30.12 -4.23 -3.13
N TYR A 169 -29.19 -5.09 -3.48
CA TYR A 169 -28.04 -4.75 -4.28
C TYR A 169 -28.19 -5.46 -5.63
N SER A 170 -27.81 -4.79 -6.71
CA SER A 170 -27.80 -5.47 -7.98
C SER A 170 -26.70 -4.94 -8.86
N ASN A 171 -26.16 -5.81 -9.72
CA ASN A 171 -25.16 -5.35 -10.66
C ASN A 171 -24.98 -6.29 -11.83
N LEU A 172 -24.39 -5.74 -12.88
CA LEU A 172 -23.89 -6.56 -13.96
C LEU A 172 -22.38 -6.56 -13.84
N GLU A 173 -21.74 -7.38 -14.64
CA GLU A 173 -20.30 -7.44 -14.61
C GLU A 173 -19.80 -7.83 -15.96
N TYR A 174 -18.80 -7.13 -16.45
CA TYR A 174 -18.01 -7.64 -17.56
C TYR A 174 -16.70 -8.09 -16.97
N LEU A 175 -16.33 -9.33 -17.29
CA LEU A 175 -15.18 -9.95 -16.67
C LEU A 175 -14.22 -10.41 -17.75
N LEU A 176 -12.96 -10.01 -17.60
CA LEU A 176 -11.94 -10.42 -18.55
C LEU A 176 -10.70 -10.94 -17.84
N SER A 177 -10.32 -12.18 -18.11
CA SER A 177 -9.06 -12.68 -17.54
C SER A 177 -8.14 -13.20 -18.63
N LYS A 178 -6.88 -12.79 -18.54
CA LYS A 178 -5.89 -13.17 -19.52
C LYS A 178 -4.64 -13.64 -18.77
N GLU A 179 -4.40 -14.94 -18.84
CA GLU A 179 -3.26 -15.55 -18.17
C GLU A 179 -2.24 -15.96 -19.22
N ASP A 180 -0.97 -15.62 -19.01
CA ASP A 180 0.08 -16.08 -19.91
C ASP A 180 1.00 -17.03 -19.16
N ARG A 181 1.10 -18.27 -19.62
CA ARG A 181 1.90 -19.26 -18.91
C ARG A 181 3.11 -19.69 -19.74
N ASN A 182 3.63 -18.75 -20.53
CA ASN A 182 4.83 -18.95 -21.34
C ASN A 182 4.76 -20.20 -22.19
N ALA A 183 5.52 -21.22 -21.79
CA ALA A 183 5.64 -22.45 -22.54
C ALA A 183 4.31 -23.22 -22.60
N TRP A 184 3.48 -23.03 -21.57
CA TRP A 184 2.18 -23.69 -21.48
C TRP A 184 1.09 -22.95 -22.24
N GLY A 185 1.46 -21.87 -22.94
CA GLY A 185 0.50 -21.14 -23.77
C GLY A 185 -0.24 -19.99 -23.10
N LYS A 186 -1.42 -19.68 -23.63
CA LYS A 186 -2.22 -18.56 -23.16
C LYS A 186 -3.65 -19.01 -22.89
N ARG A 187 -4.28 -18.40 -21.89
CA ARG A 187 -5.68 -18.65 -21.60
C ARG A 187 -6.46 -17.34 -21.36
N GLN A 188 -7.47 -17.12 -22.18
CA GLN A 188 -8.30 -15.95 -22.00
C GLN A 188 -9.74 -16.35 -21.66
N GLU A 189 -10.29 -15.75 -20.62
CA GLU A 189 -11.70 -15.95 -20.30
C GLU A 189 -12.44 -14.64 -20.41
N GLN A 190 -13.59 -14.66 -21.06
CA GLN A 190 -14.37 -13.45 -21.23
C GLN A 190 -15.82 -13.74 -20.91
N GLY A 191 -16.51 -12.82 -20.25
CA GLY A 191 -17.88 -13.10 -19.87
C GLY A 191 -18.65 -12.02 -19.12
N TYR A 192 -19.91 -12.32 -18.84
CA TYR A 192 -20.82 -11.38 -18.20
C TYR A 192 -21.43 -12.05 -17.01
N SER A 193 -21.78 -11.28 -15.98
CA SER A 193 -22.57 -11.86 -14.93
C SER A 193 -23.55 -10.83 -14.38
N ALA A 194 -24.49 -11.30 -13.58
CA ALA A 194 -25.55 -10.49 -13.06
C ALA A 194 -25.77 -10.97 -11.64
N LEU A 195 -25.93 -10.03 -10.71
CA LEU A 195 -26.16 -10.38 -9.31
C LEU A 195 -27.34 -9.59 -8.75
N PHE A 196 -28.25 -10.30 -8.11
CA PHE A 196 -29.37 -9.68 -7.43
C PHE A 196 -29.39 -10.16 -5.98
N LYS A 197 -29.47 -9.21 -5.06
CA LYS A 197 -29.28 -9.50 -3.64
C LYS A 197 -30.24 -8.73 -2.76
N PRO A 198 -31.49 -9.22 -2.61
CA PRO A 198 -32.43 -8.57 -1.71
C PRO A 198 -31.99 -8.81 -0.28
N TYR A 199 -32.32 -7.87 0.59
CA TYR A 199 -31.73 -7.87 1.91
C TYR A 199 -32.63 -7.15 2.93
N LYS A 200 -32.59 -7.60 4.17
CA LYS A 200 -33.47 -7.07 5.20
C LYS A 200 -32.81 -7.09 6.59
N ARG A 201 -33.06 -6.04 7.38
CA ARG A 201 -32.53 -5.98 8.74
C ARG A 201 -33.67 -5.83 9.75
N PHE A 202 -33.55 -6.56 10.86
CA PHE A 202 -34.57 -6.49 11.91
C PHE A 202 -33.90 -6.80 13.25
N GLY A 203 -33.95 -5.82 14.16
CA GLY A 203 -33.26 -5.91 15.44
C GLY A 203 -31.78 -6.20 15.27
N ASN A 204 -31.30 -7.27 15.90
CA ASN A 204 -29.91 -7.66 15.74
C ASN A 204 -29.65 -8.59 14.53
N TRP A 205 -30.71 -8.92 13.78
CA TRP A 205 -30.62 -9.83 12.62
C TRP A 205 -30.44 -9.14 11.28
N GLU A 206 -29.64 -9.74 10.42
CA GLU A 206 -29.71 -9.39 9.00
C GLU A 206 -29.81 -10.65 8.15
N VAL A 207 -30.64 -10.57 7.12
CA VAL A 207 -30.90 -11.69 6.25
C VAL A 207 -30.92 -11.26 4.79
N GLY A 208 -30.30 -12.07 3.95
CA GLY A 208 -30.34 -11.81 2.52
C GLY A 208 -30.18 -13.04 1.67
N VAL A 209 -30.54 -12.93 0.40
CA VAL A 209 -30.24 -14.00 -0.54
C VAL A 209 -29.55 -13.46 -1.78
N GLU A 210 -28.40 -14.02 -2.09
CA GLU A 210 -27.67 -13.69 -3.31
C GLU A 210 -28.13 -14.61 -4.47
N PHE A 211 -28.62 -13.99 -5.54
CA PHE A 211 -28.92 -14.69 -6.81
C PHE A 211 -27.89 -14.32 -7.84
N TYR A 212 -27.27 -15.33 -8.46
CA TYR A 212 -26.20 -15.03 -9.39
C TYR A 212 -26.24 -15.87 -10.66
N TYR A 213 -25.94 -15.22 -11.77
CA TYR A 213 -25.82 -15.89 -13.05
C TYR A 213 -24.60 -15.40 -13.83
N GLN A 214 -23.87 -16.33 -14.44
CA GLN A 214 -22.70 -15.97 -15.24
C GLN A 214 -22.63 -16.79 -16.53
N ILE A 215 -22.28 -16.12 -17.62
CA ILE A 215 -22.00 -16.76 -18.89
C ILE A 215 -20.62 -16.29 -19.32
N LYS A 216 -19.77 -17.22 -19.78
CA LYS A 216 -18.35 -16.96 -19.98
C LYS A 216 -17.83 -17.71 -21.22
N THR A 217 -16.76 -17.22 -21.84
CA THR A 217 -16.09 -17.92 -22.91
C THR A 217 -14.64 -18.26 -22.55
N ASN A 218 -14.24 -19.51 -22.77
CA ASN A 218 -12.88 -19.95 -22.48
C ASN A 218 -12.06 -20.22 -23.74
N ASP A 219 -10.92 -19.57 -23.85
CA ASP A 219 -9.99 -19.86 -24.95
C ASP A 219 -8.59 -20.10 -24.43
N GLU A 220 -8.08 -21.28 -24.71
CA GLU A 220 -6.73 -21.64 -24.30
C GLU A 220 -5.97 -22.27 -25.45
N LYS A 221 -4.89 -21.62 -25.88
CA LYS A 221 -4.03 -22.14 -26.93
C LYS A 221 -2.62 -22.46 -26.41
N GLN A 222 -1.95 -23.38 -27.12
CA GLN A 222 -0.53 -23.62 -26.91
C GLN A 222 0.25 -22.53 -27.63
N PRO A 223 1.56 -22.39 -27.34
CA PRO A 223 2.33 -21.33 -28.00
C PRO A 223 2.29 -21.40 -29.54
N ASP A 224 2.33 -22.60 -30.12
CA ASP A 224 2.30 -22.73 -31.59
C ASP A 224 0.89 -22.51 -32.15
N GLY A 225 -0.06 -22.22 -31.27
CA GLY A 225 -1.41 -21.92 -31.68
C GLY A 225 -2.41 -23.07 -31.60
N THR A 226 -1.93 -24.27 -31.28
CA THR A 226 -2.80 -25.42 -31.11
C THR A 226 -3.83 -25.13 -30.02
N ILE A 227 -5.08 -25.51 -30.26
CA ILE A 227 -6.15 -25.21 -29.33
C ILE A 227 -6.26 -26.28 -28.25
N ASN A 228 -6.07 -25.89 -26.98
CA ASN A 228 -6.31 -26.80 -25.87
C ASN A 228 -7.78 -26.88 -25.52
N GLU A 229 -8.43 -25.72 -25.57
CA GLU A 229 -9.81 -25.60 -25.15
C GLU A 229 -10.48 -24.41 -25.81
N LYS A 230 -11.69 -24.64 -26.30
CA LYS A 230 -12.59 -23.59 -26.74
C LYS A 230 -13.97 -24.00 -26.22
N SER A 231 -14.50 -23.27 -25.25
CA SER A 231 -15.70 -23.75 -24.58
C SER A 231 -16.61 -22.62 -24.07
N ASP A 232 -17.88 -22.94 -23.88
CA ASP A 232 -18.83 -22.00 -23.30
C ASP A 232 -19.20 -22.47 -21.90
N PHE A 233 -19.36 -21.51 -21.00
CA PHE A 233 -19.53 -21.79 -19.60
C PHE A 233 -20.70 -20.98 -19.08
N ASN A 234 -21.51 -21.57 -18.22
CA ASN A 234 -22.47 -20.77 -17.49
C ASN A 234 -22.59 -21.28 -16.06
N GLU A 235 -22.88 -20.37 -15.13
CA GLU A 235 -23.00 -20.73 -13.72
C GLU A 235 -24.17 -19.99 -13.11
N ARG A 236 -24.88 -20.66 -12.23
CA ARG A 236 -25.84 -19.96 -11.43
C ARG A 236 -25.76 -20.43 -9.98
N TYR A 237 -26.06 -19.53 -9.04
CA TYR A 237 -26.13 -20.03 -7.68
C TYR A 237 -27.09 -19.19 -6.85
N ILE A 238 -27.53 -19.77 -5.76
CA ILE A 238 -28.33 -19.05 -4.82
C ILE A 238 -27.61 -19.14 -3.47
N GLU A 239 -27.47 -18.02 -2.78
CA GLU A 239 -26.73 -18.01 -1.54
C GLU A 239 -27.41 -17.16 -0.46
N PRO A 240 -28.18 -17.82 0.40
CA PRO A 240 -28.73 -17.18 1.59
C PRO A 240 -27.60 -16.75 2.53
N ILE A 241 -27.80 -15.61 3.19
CA ILE A 241 -26.89 -15.13 4.21
C ILE A 241 -27.66 -14.67 5.47
N VAL A 242 -27.27 -15.21 6.61
CA VAL A 242 -27.82 -14.78 7.88
C VAL A 242 -26.70 -14.24 8.78
N GLN A 243 -27.10 -13.29 9.62
CA GLN A 243 -26.14 -12.55 10.38
C GLN A 243 -26.78 -12.07 11.67
N TYR A 244 -26.01 -12.16 12.74
CA TYR A 244 -26.51 -11.78 14.04
C TYR A 244 -25.43 -11.05 14.83
N SER A 245 -25.78 -9.85 15.26
CA SER A 245 -24.93 -9.01 16.09
C SER A 245 -25.31 -9.21 17.55
N PHE A 246 -24.33 -9.56 18.37
CA PHE A 246 -24.56 -9.65 19.81
C PHE A 246 -24.56 -8.26 20.46
N ASP A 247 -25.48 -8.03 21.40
CA ASP A 247 -25.66 -6.70 22.01
C ASP A 247 -24.33 -6.16 22.54
N ASP A 248 -23.48 -7.06 23.03
CA ASP A 248 -22.12 -6.73 23.44
C ASP A 248 -21.15 -7.86 23.11
N ALA A 249 -20.58 -7.90 21.90
CA ALA A 249 -20.79 -6.90 20.86
C ALA A 249 -20.61 -7.46 19.44
N GLY A 250 -19.90 -8.59 19.33
CA GLY A 250 -19.54 -9.17 18.03
C GLY A 250 -20.64 -9.61 17.08
N THR A 251 -20.27 -9.91 15.84
CA THR A 251 -21.22 -10.35 14.83
C THR A 251 -20.87 -11.73 14.24
N LEU A 252 -21.76 -12.68 14.45
CA LEU A 252 -21.65 -14.00 13.86
C LEU A 252 -22.43 -14.06 12.54
N TYR A 253 -21.85 -14.67 11.51
CA TYR A 253 -22.58 -14.80 10.24
C TYR A 253 -22.35 -16.14 9.53
N THR A 254 -23.31 -16.50 8.67
CA THR A 254 -23.20 -17.68 7.81
CA THR A 254 -23.23 -17.71 7.85
C THR A 254 -23.76 -17.48 6.42
N ARG A 255 -23.11 -18.14 5.47
CA ARG A 255 -23.52 -18.21 4.09
C ARG A 255 -23.59 -19.68 3.61
N VAL A 256 -24.67 -20.03 2.94
CA VAL A 256 -24.74 -21.32 2.30
C VAL A 256 -25.00 -21.11 0.83
N ARG A 257 -24.20 -21.74 -0.02
CA ARG A 257 -24.39 -21.61 -1.45
C ARG A 257 -24.72 -22.93 -2.11
N VAL A 258 -25.75 -22.90 -2.95
CA VAL A 258 -26.06 -24.03 -3.79
C VAL A 258 -25.98 -23.53 -5.23
N GLY A 259 -25.20 -24.23 -6.05
CA GLY A 259 -24.98 -23.77 -7.41
C GLY A 259 -24.76 -24.86 -8.43
N LYS A 260 -24.93 -24.53 -9.70
CA LYS A 260 -24.57 -25.40 -10.81
C LYS A 260 -23.74 -24.62 -11.81
N ASN A 261 -22.78 -25.30 -12.46
CA ASN A 261 -22.27 -24.75 -13.70
C ASN A 261 -22.02 -25.83 -14.79
N GLU A 262 -21.79 -25.36 -16.01
CA GLU A 262 -21.63 -26.21 -17.17
C GLU A 262 -20.56 -25.66 -18.10
N THR A 263 -19.68 -26.54 -18.56
CA THR A 263 -18.67 -26.22 -19.55
C THR A 263 -18.92 -27.08 -20.78
N LYS A 264 -19.29 -26.44 -21.88
CA LYS A 264 -19.60 -27.15 -23.11
C LYS A 264 -18.53 -26.91 -24.14
N ASN A 265 -17.74 -27.93 -24.47
CA ASN A 265 -16.68 -27.76 -25.44
C ASN A 265 -17.20 -27.76 -26.86
N THR A 266 -16.57 -26.97 -27.70
CA THR A 266 -16.89 -26.96 -29.12
C THR A 266 -16.18 -28.11 -29.83
N ASP A 267 -16.46 -28.23 -31.12
CA ASP A 267 -15.78 -29.16 -32.01
C ASP A 267 -14.27 -28.93 -32.06
N ARG A 268 -13.84 -27.69 -31.84
CA ARG A 268 -12.44 -27.29 -31.98
C ARG A 268 -11.59 -27.54 -30.73
N SER A 269 -12.21 -28.06 -29.68
CA SER A 269 -11.54 -28.17 -28.39
C SER A 269 -10.45 -29.26 -28.38
N GLY A 270 -9.36 -28.97 -27.69
CA GLY A 270 -8.17 -29.82 -27.73
C GLY A 270 -8.19 -31.07 -26.87
N GLY A 271 -7.34 -32.02 -27.26
CA GLY A 271 -7.40 -33.39 -26.79
C GLY A 271 -7.78 -33.63 -25.33
N GLY A 272 -8.77 -34.49 -25.12
CA GLY A 272 -9.62 -34.97 -26.19
C GLY A 272 -11.05 -34.56 -25.86
N ASN A 273 -11.28 -33.26 -25.71
CA ASN A 273 -12.56 -32.74 -25.22
C ASN A 273 -13.51 -32.15 -26.26
N ALA A 274 -13.23 -32.35 -27.54
CA ALA A 274 -14.15 -31.90 -28.59
C ALA A 274 -15.56 -32.41 -28.34
N GLY A 275 -16.50 -31.48 -28.15
CA GLY A 275 -17.90 -31.82 -28.00
C GLY A 275 -18.23 -32.46 -26.67
N ILE A 276 -17.33 -32.34 -25.71
CA ILE A 276 -17.60 -32.91 -24.40
C ILE A 276 -18.13 -31.84 -23.43
N ASN A 277 -19.13 -32.24 -22.65
CA ASN A 277 -19.71 -31.35 -21.68
C ASN A 277 -19.36 -31.72 -20.24
N TYR A 278 -19.06 -30.72 -19.42
CA TYR A 278 -18.81 -30.96 -17.99
C TYR A 278 -19.89 -30.31 -17.16
N PHE A 279 -20.40 -31.06 -16.17
CA PHE A 279 -21.49 -30.59 -15.33
C PHE A 279 -21.06 -30.64 -13.88
N LYS A 280 -21.19 -29.52 -13.18
CA LYS A 280 -20.66 -29.41 -11.83
C LYS A 280 -21.75 -28.97 -10.84
N ASP A 281 -21.87 -29.72 -9.76
CA ASP A 281 -22.75 -29.33 -8.66
C ASP A 281 -21.90 -28.74 -7.56
N ILE A 282 -22.33 -27.58 -7.07
CA ILE A 282 -21.56 -26.82 -6.08
C ILE A 282 -22.32 -26.65 -4.78
N ARG A 283 -21.64 -26.84 -3.66
CA ARG A 283 -22.19 -26.61 -2.35
C ARG A 283 -21.13 -25.97 -1.45
N LYS A 284 -21.46 -24.82 -0.86
CA LYS A 284 -20.52 -24.12 0.00
C LYS A 284 -21.17 -23.67 1.31
N ALA A 285 -20.39 -23.71 2.39
CA ALA A 285 -20.86 -23.19 3.67
C ALA A 285 -19.76 -22.39 4.40
N THR A 286 -20.12 -21.18 4.81
CA THR A 286 -19.19 -20.30 5.50
C THR A 286 -19.72 -19.88 6.84
N VAL A 287 -18.87 -19.94 7.85
CA VAL A 287 -19.21 -19.36 9.13
CA VAL A 287 -19.19 -19.38 9.15
C VAL A 287 -18.10 -18.40 9.54
N GLY A 288 -18.52 -17.22 9.99
CA GLY A 288 -17.56 -16.22 10.40
C GLY A 288 -17.96 -15.48 11.65
N TYR A 289 -16.98 -14.84 12.26
CA TYR A 289 -17.23 -13.97 13.40
C TYR A 289 -16.36 -12.73 13.31
N GLU A 290 -16.97 -11.57 13.52
CA GLU A 290 -16.26 -10.30 13.51
C GLU A 290 -16.52 -9.54 14.80
N GLN A 291 -15.46 -8.91 15.32
CA GLN A 291 -15.57 -8.07 16.49
C GLN A 291 -14.60 -6.89 16.48
N SER A 292 -15.11 -5.70 16.72
CA SER A 292 -14.25 -4.55 16.96
C SER A 292 -13.65 -4.67 18.37
N ILE A 293 -12.39 -4.29 18.50
CA ILE A 293 -11.73 -4.26 19.79
C ILE A 293 -11.40 -2.82 20.16
N GLY A 294 -12.10 -2.30 21.16
CA GLY A 294 -12.02 -0.88 21.48
C GLY A 294 -12.48 -0.07 20.28
N GLU A 295 -11.83 1.06 20.05
CA GLU A 295 -12.33 2.03 19.10
C GLU A 295 -11.71 1.91 17.72
N SER A 296 -10.54 1.30 17.63
CA SER A 296 -9.78 1.33 16.37
C SER A 296 -9.68 0.00 15.63
N TRP A 297 -9.64 -1.10 16.36
CA TRP A 297 -9.28 -2.40 15.79
C TRP A 297 -10.49 -3.25 15.45
N VAL A 298 -10.48 -3.84 14.28
CA VAL A 298 -11.48 -4.83 13.92
C VAL A 298 -10.80 -6.15 13.63
N ALA A 299 -11.24 -7.21 14.32
CA ALA A 299 -10.76 -8.59 14.11
C ALA A 299 -11.83 -9.47 13.48
N LYS A 300 -11.39 -10.39 12.59
CA LYS A 300 -12.28 -11.29 11.86
C LYS A 300 -11.67 -12.69 11.59
N ALA A 301 -12.42 -13.74 11.92
CA ALA A 301 -12.05 -15.12 11.56
C ALA A 301 -13.18 -15.82 10.80
N GLU A 302 -12.80 -16.62 9.81
CA GLU A 302 -13.78 -17.23 8.94
C GLU A 302 -13.38 -18.64 8.50
N TYR A 303 -14.35 -19.55 8.50
CA TYR A 303 -14.17 -20.88 7.97
C TYR A 303 -15.14 -21.20 6.82
N GLU A 304 -14.62 -21.71 5.71
CA GLU A 304 -15.51 -22.16 4.65
C GLU A 304 -15.26 -23.62 4.22
N TYR A 305 -16.36 -24.34 4.07
CA TYR A 305 -16.34 -25.68 3.50
C TYR A 305 -16.87 -25.63 2.10
N ALA A 306 -16.18 -26.27 1.17
CA ALA A 306 -16.69 -26.34 -0.19
C ALA A 306 -16.60 -27.78 -0.74
N ASN A 307 -17.66 -28.17 -1.45
CA ASN A 307 -17.71 -29.47 -2.10
C ASN A 307 -18.28 -29.33 -3.51
N GLU A 308 -17.51 -29.77 -4.50
CA GLU A 308 -17.90 -29.60 -5.90
C GLU A 308 -17.78 -30.95 -6.65
N VAL A 309 -18.86 -31.41 -7.28
CA VAL A 309 -18.81 -32.70 -7.98
C VAL A 309 -19.05 -32.52 -9.47
N GLU A 310 -18.09 -33.00 -10.25
CA GLU A 310 -18.11 -32.85 -11.70
C GLU A 310 -18.26 -34.20 -12.44
N LYS A 311 -19.09 -34.21 -13.49
CA LYS A 311 -19.24 -35.39 -14.33
C LYS A 311 -19.11 -34.93 -15.78
N LYS A 312 -18.63 -35.80 -16.68
CA LYS A 312 -18.59 -35.40 -18.08
C LYS A 312 -19.64 -36.14 -18.89
N SER A 313 -20.02 -35.58 -20.03
CA SER A 313 -21.09 -36.15 -20.84
C SER A 313 -20.75 -37.55 -21.41
N ARG A 314 -19.49 -37.77 -21.76
CA ARG A 314 -19.00 -39.07 -22.27
C ARG A 314 -17.59 -39.33 -21.81
N LEU A 315 -17.31 -40.56 -21.39
CA LEU A 315 -15.95 -40.97 -21.08
C LEU A 315 -15.13 -41.11 -22.37
N SER A 316 -13.91 -40.60 -22.36
CA SER A 316 -13.06 -40.65 -23.56
C SER A 316 -12.41 -42.03 -23.76
N GLY A 317 -12.00 -42.67 -22.66
CA GLY A 317 -11.38 -43.97 -22.70
C GLY A 317 -10.39 -44.19 -21.56
N TRP A 318 -9.71 -43.12 -21.15
CA TRP A 318 -8.66 -43.26 -20.14
C TRP A 318 -9.18 -43.13 -18.70
N GLU A 319 -10.39 -42.63 -18.51
CA GLU A 319 -10.87 -42.34 -17.17
C GLU A 319 -11.23 -43.60 -16.35
N ALA A 320 -10.87 -43.59 -15.07
CA ALA A 320 -11.22 -44.66 -14.15
C ALA A 320 -12.67 -44.59 -13.67
N ARG A 321 -13.29 -43.42 -13.81
CA ARG A 321 -14.67 -43.18 -13.38
C ARG A 321 -15.22 -41.81 -13.86
N ASN A 322 -16.50 -41.77 -14.20
CA ASN A 322 -17.12 -40.52 -14.57
C ASN A 322 -17.56 -39.78 -13.31
N LYS A 323 -16.59 -39.14 -12.66
CA LYS A 323 -16.80 -38.47 -11.38
C LYS A 323 -15.53 -37.74 -10.99
N SER A 324 -15.64 -36.44 -10.73
CA SER A 324 -14.52 -35.69 -10.18
C SER A 324 -15.00 -34.78 -9.03
N GLU A 325 -14.44 -34.99 -7.85
CA GLU A 325 -14.94 -34.37 -6.63
C GLU A 325 -13.86 -33.60 -5.88
N LEU A 326 -14.19 -32.35 -5.57
CA LEU A 326 -13.32 -31.49 -4.81
C LEU A 326 -13.88 -31.23 -3.42
N THR A 327 -13.01 -31.36 -2.42
CA THR A 327 -13.33 -31.03 -1.04
C THR A 327 -12.33 -29.98 -0.56
N GLN A 328 -12.84 -28.85 -0.11
CA GLN A 328 -11.99 -27.70 0.21
C GLN A 328 -12.32 -27.09 1.56
N HIS A 329 -11.29 -26.90 2.37
CA HIS A 329 -11.41 -26.16 3.64
C HIS A 329 -10.60 -24.85 3.61
N THR A 330 -11.26 -23.74 3.89
CA THR A 330 -10.55 -22.47 3.92
C THR A 330 -10.70 -21.82 5.30
N PHE A 331 -9.58 -21.32 5.83
CA PHE A 331 -9.49 -20.66 7.13
C PHE A 331 -8.91 -19.29 6.87
N TYR A 332 -9.52 -18.26 7.46
CA TYR A 332 -9.13 -16.92 7.18
C TYR A 332 -9.14 -16.06 8.47
N ALA A 333 -8.07 -15.30 8.71
CA ALA A 333 -8.07 -14.37 9.82
C ALA A 333 -7.63 -13.01 9.35
N GLN A 334 -8.19 -11.98 9.97
CA GLN A 334 -8.00 -10.60 9.51
C GLN A 334 -7.95 -9.61 10.68
N ALA A 335 -6.93 -8.75 10.70
CA ALA A 335 -6.87 -7.65 11.68
C ALA A 335 -6.86 -6.31 10.95
N LEU A 336 -7.78 -5.43 11.30
CA LEU A 336 -7.86 -4.13 10.62
C LEU A 336 -7.78 -2.96 11.60
N TYR A 337 -7.00 -1.96 11.21
CA TYR A 337 -6.86 -0.75 11.98
C TYR A 337 -7.59 0.37 11.27
N ARG A 338 -8.59 0.94 11.93
CA ARG A 338 -9.37 1.98 11.30
C ARG A 338 -8.75 3.35 11.50
N PHE A 339 -9.00 4.22 10.53
CA PHE A 339 -8.61 5.62 10.61
C PHE A 339 -9.68 6.52 9.98
N ALA B 1 12.72 17.09 0.23
CA ALA B 1 12.86 15.68 -0.18
C ALA B 1 12.87 14.74 1.01
N ASN B 2 12.17 13.62 0.88
CA ASN B 2 12.21 12.59 1.91
C ASN B 2 13.63 12.03 2.04
N VAL B 3 14.19 12.11 3.24
CA VAL B 3 15.60 11.81 3.47
C VAL B 3 15.97 10.34 3.21
N ARG B 4 15.16 9.43 3.75
CA ARG B 4 15.44 8.00 3.62
C ARG B 4 15.19 7.47 2.22
N LEU B 5 14.40 8.20 1.46
CA LEU B 5 14.08 7.78 0.12
C LEU B 5 15.15 8.24 -0.84
N GLN B 6 15.73 9.40 -0.52
CA GLN B 6 16.79 9.98 -1.32
C GLN B 6 18.01 9.07 -1.35
N HIS B 7 18.28 8.40 -0.24
CA HIS B 7 19.43 7.50 -0.15
C HIS B 7 19.15 6.17 -0.86
N HIS B 8 17.89 5.98 -1.24
CA HIS B 8 17.51 4.84 -2.05
C HIS B 8 17.59 5.19 -3.53
N HIS B 9 17.27 6.43 -3.87
CA HIS B 9 17.49 6.96 -5.22
C HIS B 9 18.96 6.91 -5.56
N HIS B 10 19.78 7.35 -4.61
CA HIS B 10 21.23 7.40 -4.77
C HIS B 10 21.80 6.02 -5.04
N HIS B 11 21.53 5.10 -4.13
CA HIS B 11 22.20 3.80 -4.13
C HIS B 11 21.50 2.73 -4.97
N HIS B 12 20.31 3.02 -5.48
CA HIS B 12 19.73 2.11 -6.44
C HIS B 12 20.17 2.52 -7.84
N HIS B 13 20.55 3.79 -7.99
CA HIS B 13 21.25 4.21 -9.18
C HIS B 13 22.54 3.40 -9.27
N LEU B 14 22.44 2.26 -9.96
CA LEU B 14 23.45 1.19 -9.98
C LEU B 14 24.39 1.18 -8.78
N SER B 32 6.67 -7.42 -19.69
CA SER B 32 7.29 -6.16 -19.31
C SER B 32 6.59 -5.56 -18.09
N PHE B 33 5.28 -5.37 -18.22
CA PHE B 33 4.44 -4.92 -17.11
C PHE B 33 4.61 -5.79 -15.86
N PHE B 34 4.82 -7.10 -16.09
CA PHE B 34 4.98 -8.07 -15.01
C PHE B 34 6.45 -8.34 -14.67
N SER B 35 7.34 -7.41 -15.05
CA SER B 35 8.77 -7.55 -14.79
C SER B 35 9.30 -6.52 -13.79
N PHE B 36 8.41 -5.95 -12.98
CA PHE B 36 8.82 -5.08 -11.89
C PHE B 36 9.47 -5.87 -10.77
N GLY B 37 10.67 -5.43 -10.38
CA GLY B 37 11.26 -5.89 -9.13
C GLY B 37 10.88 -4.89 -8.05
N GLY B 38 11.34 -5.11 -6.83
CA GLY B 38 11.07 -4.18 -5.76
C GLY B 38 11.01 -4.81 -4.38
N HIS B 39 10.37 -4.12 -3.44
CA HIS B 39 10.18 -4.70 -2.13
C HIS B 39 8.93 -4.17 -1.44
N VAL B 40 8.47 -4.91 -0.45
CA VAL B 40 7.42 -4.40 0.42
C VAL B 40 8.03 -4.42 1.80
N GLY B 41 7.84 -3.35 2.55
CA GLY B 41 8.57 -3.21 3.79
C GLY B 41 7.82 -2.60 4.92
N THR B 42 8.45 -2.64 6.09
CA THR B 42 7.92 -1.94 7.25
C THR B 42 9.07 -1.35 8.05
N SER B 43 8.78 -0.30 8.83
CA SER B 43 9.81 0.32 9.67
C SER B 43 9.23 1.04 10.84
N VAL B 44 10.09 1.28 11.82
CA VAL B 44 9.66 2.03 12.96
C VAL B 44 10.74 3.06 13.37
N GLU B 45 10.30 4.22 13.81
CA GLU B 45 11.25 5.26 14.20
C GLU B 45 10.90 5.89 15.54
N TYR B 46 11.90 5.99 16.41
CA TYR B 46 11.73 6.64 17.70
C TYR B 46 12.65 7.83 17.75
N GLU B 47 12.06 8.98 18.03
CA GLU B 47 12.80 10.23 18.04
C GLU B 47 12.67 10.84 19.43
N ASP B 48 13.80 11.02 20.12
CA ASP B 48 13.80 11.65 21.45
C ASP B 48 14.49 13.02 21.37
N LYS B 49 13.70 14.06 21.62
CA LYS B 49 14.16 15.44 21.47
C LYS B 49 14.17 16.24 22.78
N VAL B 50 15.21 17.02 23.01
CA VAL B 50 15.18 18.02 24.08
C VAL B 50 15.68 19.36 23.56
N THR B 51 14.84 20.39 23.66
CA THR B 51 15.25 21.74 23.30
C THR B 51 15.27 22.69 24.51
N ARG B 52 16.47 23.08 24.91
CA ARG B 52 16.63 24.12 25.92
C ARG B 52 16.63 25.47 25.23
N GLY B 53 15.52 26.19 25.32
CA GLY B 53 15.29 27.37 24.50
C GLY B 53 15.79 28.67 25.09
N PHE B 54 15.29 29.78 24.53
CA PHE B 54 15.73 31.11 24.94
C PHE B 54 15.26 31.46 26.35
N ASN B 55 14.30 30.71 26.87
CA ASN B 55 13.84 30.93 28.24
C ASN B 55 14.56 30.05 29.24
N ASN B 56 15.59 29.35 28.78
CA ASN B 56 16.43 28.47 29.61
C ASN B 56 15.63 27.36 30.28
N THR B 57 14.57 26.92 29.62
CA THR B 57 13.78 25.77 30.07
C THR B 57 13.80 24.62 29.05
N ASP B 58 13.29 23.46 29.45
CA ASP B 58 13.39 22.27 28.63
C ASP B 58 12.07 21.87 27.96
N LYS B 59 12.11 21.83 26.63
CA LYS B 59 10.99 21.37 25.81
C LYS B 59 11.28 19.94 25.29
N LYS B 60 10.62 18.95 25.89
CA LYS B 60 10.80 17.56 25.53
C LYS B 60 9.77 17.10 24.48
N GLU B 61 10.26 16.46 23.42
CA GLU B 61 9.39 15.89 22.40
C GLU B 61 9.76 14.43 22.13
N LYS B 62 8.75 13.55 22.13
CA LYS B 62 8.92 12.16 21.75
C LYS B 62 8.05 11.83 20.56
N THR B 63 8.64 11.17 19.58
CA THR B 63 7.89 10.81 18.37
C THR B 63 8.06 9.36 17.99
N ILE B 64 6.94 8.68 17.76
CA ILE B 64 7.00 7.36 17.15
C ILE B 64 6.42 7.42 15.74
N THR B 65 7.18 6.95 14.75
CA THR B 65 6.65 6.84 13.40
C THR B 65 6.59 5.36 13.00
N ASN B 66 5.37 4.89 12.80
CA ASN B 66 5.14 3.52 12.40
C ASN B 66 4.80 3.48 10.91
N GLU B 67 5.75 3.01 10.10
CA GLU B 67 5.52 2.81 8.67
C GLU B 67 4.93 1.42 8.42
N VAL B 68 3.64 1.35 8.18
CA VAL B 68 3.01 0.05 8.21
C VAL B 68 3.22 -0.65 6.88
N PHE B 69 3.55 0.12 5.86
CA PHE B 69 3.71 -0.43 4.53
C PHE B 69 4.56 0.49 3.72
N ASN B 70 5.66 -0.02 3.20
CA ASN B 70 6.28 0.73 2.14
C ASN B 70 6.61 -0.17 0.96
N PHE B 71 6.40 0.39 -0.21
CA PHE B 71 6.38 -0.35 -1.44
C PHE B 71 7.37 0.27 -2.42
N PHE B 72 8.34 -0.51 -2.87
CA PHE B 72 9.26 -0.08 -3.90
C PHE B 72 9.03 -0.95 -5.12
N TYR B 73 8.88 -0.34 -6.29
CA TYR B 73 8.79 -1.10 -7.52
C TYR B 73 9.70 -0.48 -8.55
N ASN B 74 10.34 -1.36 -9.31
CA ASN B 74 11.43 -0.99 -10.18
C ASN B 74 11.31 -1.74 -11.52
N ASN B 75 11.29 -1.00 -12.61
CA ASN B 75 11.31 -1.64 -13.92
C ASN B 75 12.57 -1.22 -14.67
N PRO B 76 13.57 -2.12 -14.66
CA PRO B 76 14.87 -1.81 -15.27
C PRO B 76 14.74 -1.57 -16.78
N GLN B 77 13.77 -2.22 -17.41
CA GLN B 77 13.53 -2.02 -18.84
C GLN B 77 13.08 -0.59 -19.09
N TRP B 78 12.20 -0.11 -18.22
CA TRP B 78 11.60 1.20 -18.41
C TRP B 78 12.47 2.31 -17.82
N ASN B 79 13.54 1.91 -17.15
CA ASN B 79 14.37 2.84 -16.38
C ASN B 79 13.48 3.67 -15.47
N PHE B 80 12.64 2.96 -14.72
CA PHE B 80 11.61 3.61 -13.94
C PHE B 80 11.45 3.01 -12.55
N MSE B 81 11.40 3.90 -11.54
CA MSE B 81 11.19 3.49 -10.15
C MSE B 81 10.03 4.22 -9.48
O MSE B 81 9.79 5.41 -9.70
CB MSE B 81 12.45 3.74 -9.32
CG MSE B 81 13.74 3.62 -10.10
SE MSE B 81 15.23 3.49 -8.85
CE MSE B 81 14.82 5.05 -7.74
N GLY B 82 9.32 3.49 -8.61
CA GLY B 82 8.18 4.06 -7.93
C GLY B 82 8.21 3.71 -6.46
N PHE B 83 7.57 4.55 -5.65
CA PHE B 83 7.56 4.29 -4.22
C PHE B 83 6.27 4.75 -3.59
N TYR B 84 5.76 3.95 -2.67
CA TYR B 84 4.61 4.35 -1.88
C TYR B 84 4.82 3.97 -0.43
N SER B 85 4.38 4.85 0.46
CA SER B 85 4.55 4.69 1.89
C SER B 85 3.33 5.17 2.69
N PHE B 86 3.00 4.45 3.75
CA PHE B 86 1.91 4.81 4.65
C PHE B 86 2.38 4.81 6.09
N LYS B 87 2.32 5.96 6.75
CA LYS B 87 2.84 6.11 8.11
C LYS B 87 1.79 6.62 9.09
N ILE B 88 1.85 6.09 10.31
CA ILE B 88 1.06 6.57 11.43
C ILE B 88 2.03 7.21 12.42
N GLU B 89 1.81 8.49 12.71
CA GLU B 89 2.76 9.26 13.50
C GLU B 89 2.15 9.74 14.81
N ASN B 90 2.84 9.50 15.92
CA ASN B 90 2.45 10.14 17.19
C ASN B 90 3.55 11.00 17.76
N ARG B 91 3.21 12.22 18.16
CA ARG B 91 4.16 13.07 18.85
C ARG B 91 3.60 13.55 20.18
N GLU B 92 4.43 13.50 21.22
CA GLU B 92 4.08 13.99 22.54
C GLU B 92 5.03 15.11 22.96
N GLN B 93 4.50 16.27 23.26
CA GLN B 93 5.34 17.39 23.62
C GLN B 93 4.99 17.87 25.02
N LYS B 94 6.02 18.00 25.86
CA LYS B 94 5.82 18.49 27.22
C LYS B 94 6.83 19.56 27.56
N GLU B 95 6.35 20.67 28.12
CA GLU B 95 7.22 21.69 28.71
C GLU B 95 6.55 22.20 29.97
N PRO B 96 7.29 22.92 30.82
CA PRO B 96 6.70 23.62 31.97
C PRO B 96 5.43 24.44 31.62
N GLY B 97 4.31 24.07 32.24
CA GLY B 97 3.06 24.79 32.03
C GLY B 97 2.36 24.57 30.70
N TYR B 98 2.84 23.62 29.90
CA TYR B 98 2.21 23.36 28.60
C TYR B 98 2.47 21.94 28.09
N TYR B 99 1.50 21.33 27.45
CA TYR B 99 1.75 20.04 26.81
C TYR B 99 1.15 20.05 25.41
N GLU B 100 1.61 19.15 24.55
CA GLU B 100 1.05 19.06 23.20
C GLU B 100 1.11 17.63 22.62
N ASN B 101 -0.04 17.15 22.20
CA ASN B 101 -0.13 15.82 21.65
C ASN B 101 -0.69 15.83 20.24
N GLU B 102 0.04 15.22 19.31
CA GLU B 102 -0.34 15.24 17.91
C GLU B 102 -0.33 13.83 17.32
N ASP B 103 -1.37 13.52 16.57
CA ASP B 103 -1.49 12.23 15.90
C ASP B 103 -1.74 12.46 14.42
N GLY B 104 -1.03 11.72 13.59
CA GLY B 104 -1.13 11.99 12.17
C GLY B 104 -0.95 10.77 11.28
N ILE B 105 -1.44 10.91 10.05
CA ILE B 105 -1.18 9.92 9.03
C ILE B 105 -0.48 10.58 7.84
N LYS B 106 0.53 9.89 7.34
CA LYS B 106 1.38 10.40 6.28
C LYS B 106 1.48 9.41 5.14
N GLN B 107 1.18 9.88 3.93
CA GLN B 107 1.39 9.09 2.73
C GLN B 107 2.41 9.76 1.82
N LEU B 108 3.24 8.94 1.19
CA LEU B 108 4.23 9.47 0.28
C LEU B 108 4.12 8.76 -1.07
N PHE B 109 4.16 9.54 -2.15
CA PHE B 109 4.19 9.00 -3.51
C PHE B 109 5.45 9.50 -4.21
N SER B 110 6.19 8.60 -4.82
CA SER B 110 7.40 9.01 -5.52
C SER B 110 7.50 8.33 -6.88
N LEU B 111 7.99 9.09 -7.84
CA LEU B 111 8.12 8.66 -9.21
C LEU B 111 9.51 9.05 -9.73
N ASN B 112 10.29 8.06 -10.12
CA ASN B 112 11.63 8.33 -10.66
C ASN B 112 11.72 7.79 -12.06
N LYS B 113 11.90 8.70 -13.02
CA LYS B 113 12.06 8.32 -14.41
C LYS B 113 13.45 8.64 -14.90
N GLY B 114 14.20 7.60 -15.25
CA GLY B 114 15.59 7.76 -15.61
C GLY B 114 15.86 7.65 -17.10
N HIS B 115 17.02 8.15 -17.51
CA HIS B 115 17.41 8.11 -18.90
C HIS B 115 18.90 7.89 -19.04
N ASP B 116 19.27 6.77 -19.64
CA ASP B 116 20.68 6.47 -19.87
C ASP B 116 21.22 7.39 -20.96
N LEU B 117 22.33 8.05 -20.68
CA LEU B 117 22.97 8.93 -21.66
C LEU B 117 24.21 8.26 -22.25
N GLY B 118 24.60 7.14 -21.67
CA GLY B 118 25.76 6.39 -22.12
C GLY B 118 27.08 6.95 -21.62
N ASN B 119 28.15 6.20 -21.87
CA ASN B 119 29.49 6.58 -21.44
C ASN B 119 29.55 6.91 -19.94
N GLY B 120 28.86 6.11 -19.14
CA GLY B 120 28.88 6.25 -17.70
C GLY B 120 27.88 7.26 -17.15
N TRP B 121 27.33 8.11 -18.02
CA TRP B 121 26.43 9.16 -17.57
C TRP B 121 24.99 8.68 -17.51
N ALA B 122 24.16 9.39 -16.76
CA ALA B 122 22.74 9.10 -16.67
C ALA B 122 22.01 10.29 -16.03
N THR B 123 20.75 10.46 -16.39
CA THR B 123 19.96 11.57 -15.87
C THR B 123 18.54 11.09 -15.64
N GLY B 124 17.74 11.93 -14.97
CA GLY B 124 16.37 11.56 -14.72
C GLY B 124 15.57 12.60 -13.97
N LEU B 125 14.31 12.29 -13.69
CA LEU B 125 13.45 13.24 -13.02
C LEU B 125 12.64 12.56 -11.92
N ILE B 126 12.84 13.02 -10.70
CA ILE B 126 12.08 12.51 -9.56
C ILE B 126 10.94 13.46 -9.23
N TYR B 127 9.75 12.90 -9.06
CA TYR B 127 8.57 13.65 -8.65
C TYR B 127 8.04 13.06 -7.35
N GLU B 128 7.94 13.89 -6.32
CA GLU B 128 7.69 13.35 -5.00
C GLU B 128 6.57 14.10 -4.28
N LEU B 129 5.63 13.34 -3.74
CA LEU B 129 4.46 13.91 -3.11
C LEU B 129 4.27 13.34 -1.69
N GLU B 130 4.17 14.21 -0.69
CA GLU B 130 3.88 13.74 0.66
C GLU B 130 2.71 14.54 1.27
N TYR B 131 1.73 13.83 1.81
CA TYR B 131 0.53 14.42 2.43
C TYR B 131 0.42 13.96 3.85
N THR B 132 0.09 14.89 4.74
CA THR B 132 0.00 14.59 6.14
C THR B 132 -1.22 15.20 6.75
N ARG B 133 -1.94 14.38 7.49
CA ARG B 133 -3.12 14.85 8.16
C ARG B 133 -2.98 14.60 9.65
N SER B 134 -3.11 15.64 10.46
CA SER B 134 -3.00 15.41 11.88
C SER B 134 -4.01 16.18 12.73
N LYS B 135 -4.25 15.66 13.93
CA LYS B 135 -4.99 16.38 14.95
C LYS B 135 -4.09 16.75 16.14
N VAL B 136 -4.23 17.98 16.62
CA VAL B 136 -3.47 18.42 17.79
C VAL B 136 -4.37 18.58 19.03
N TYR B 137 -3.77 18.29 20.18
CA TYR B 137 -4.44 18.33 21.48
C TYR B 137 -3.51 19.01 22.47
N SER B 138 -4.02 19.98 23.20
CA SER B 138 -3.23 20.80 24.10
C SER B 138 -4.17 21.37 25.17
N PRO B 139 -3.68 22.24 26.08
CA PRO B 139 -4.67 22.81 27.00
C PRO B 139 -5.61 23.81 26.35
N ASP B 140 -5.30 24.25 25.13
CA ASP B 140 -6.12 25.28 24.48
C ASP B 140 -6.96 24.73 23.34
N VAL B 141 -6.51 23.62 22.73
CA VAL B 141 -7.24 23.09 21.59
C VAL B 141 -7.47 21.59 21.70
N SER B 142 -8.60 21.15 21.15
CA SER B 142 -8.97 19.75 21.19
C SER B 142 -9.32 19.25 19.79
N GLY B 143 -8.32 18.72 19.09
CA GLY B 143 -8.58 18.13 17.79
C GLY B 143 -8.36 19.10 16.66
N LEU B 144 -7.52 20.10 16.86
CA LEU B 144 -7.19 21.00 15.77
C LEU B 144 -6.54 20.23 14.63
N ARG B 145 -7.17 20.33 13.46
CA ARG B 145 -6.72 19.73 12.23
C ARG B 145 -5.54 20.49 11.57
N LYS B 146 -4.55 19.71 11.12
CA LYS B 146 -3.49 20.21 10.24
C LYS B 146 -3.45 19.36 8.98
N ASN B 147 -3.49 20.03 7.83
CA ASN B 147 -3.26 19.39 6.55
C ASN B 147 -1.98 19.90 5.95
N LEU B 148 -1.00 19.01 5.77
CA LEU B 148 0.23 19.40 5.08
C LEU B 148 0.40 18.65 3.77
N ALA B 149 0.67 19.41 2.72
CA ALA B 149 1.10 18.84 1.43
C ALA B 149 2.52 19.35 1.09
N GLU B 150 3.40 18.45 0.69
CA GLU B 150 4.74 18.85 0.27
C GLU B 150 5.02 18.25 -1.09
N HIS B 151 5.60 19.03 -2.00
CA HIS B 151 5.95 18.52 -3.33
C HIS B 151 7.45 18.67 -3.56
N SER B 152 8.06 17.66 -4.17
CA SER B 152 9.49 17.72 -4.44
C SER B 152 9.78 17.28 -5.86
N ILE B 153 10.26 18.21 -6.66
CA ILE B 153 10.65 17.90 -8.03
C ILE B 153 12.16 17.95 -8.14
N ARG B 154 12.76 16.81 -8.47
CA ARG B 154 14.21 16.71 -8.47
C ARG B 154 14.77 16.08 -9.75
N PRO B 155 15.20 16.93 -10.69
CA PRO B 155 15.99 16.42 -11.81
C PRO B 155 17.38 16.07 -11.32
N TYR B 156 17.83 14.84 -11.58
CA TYR B 156 19.14 14.42 -11.10
C TYR B 156 20.10 14.13 -12.26
N LEU B 157 21.38 14.10 -11.93
CA LEU B 157 22.43 13.80 -12.88
C LEU B 157 23.51 12.99 -12.21
N THR B 158 23.78 11.82 -12.75
CA THR B 158 24.76 10.94 -12.16
C THR B 158 25.86 10.62 -13.12
N TYR B 159 26.95 10.10 -12.58
CA TYR B 159 28.02 9.59 -13.41
C TYR B 159 28.74 8.45 -12.70
N TRP B 160 29.08 7.39 -13.43
CA TRP B 160 29.91 6.36 -12.84
C TRP B 160 30.97 5.83 -13.79
N ASN B 161 32.18 5.73 -13.27
CA ASN B 161 33.35 5.35 -14.05
C ASN B 161 33.94 4.03 -13.55
N ASN B 162 33.67 2.95 -14.27
CA ASN B 162 34.06 1.63 -13.80
C ASN B 162 35.58 1.47 -13.60
N ASP B 163 36.38 2.06 -14.48
CA ASP B 163 37.82 1.84 -14.46
C ASP B 163 38.51 2.51 -13.27
N TYR B 164 37.88 3.51 -12.68
CA TYR B 164 38.45 4.15 -11.47
C TYR B 164 37.52 3.96 -10.28
N ASN B 165 36.50 3.13 -10.45
CA ASN B 165 35.37 2.95 -9.52
C ASN B 165 35.03 4.22 -8.74
N MSE B 166 34.56 5.22 -9.49
CA MSE B 166 34.37 6.59 -9.03
C MSE B 166 33.17 7.21 -9.74
O MSE B 166 32.92 6.90 -10.91
CB MSE B 166 35.60 7.45 -9.31
CG MSE B 166 36.46 7.82 -8.14
SE MSE B 166 38.03 8.80 -8.78
CE MSE B 166 38.77 9.36 -7.06
N GLY B 167 32.47 8.10 -9.06
CA GLY B 167 31.41 8.85 -9.69
C GLY B 167 30.80 9.87 -8.75
N PHE B 168 29.66 10.43 -9.14
CA PHE B 168 28.91 11.31 -8.26
C PHE B 168 27.42 11.20 -8.51
N TYR B 169 26.65 11.53 -7.48
CA TYR B 169 25.23 11.80 -7.63
C TYR B 169 25.08 13.31 -7.49
N SER B 170 24.14 13.87 -8.23
CA SER B 170 23.87 15.30 -8.16
C SER B 170 22.46 15.60 -8.61
N ASN B 171 21.77 16.43 -7.85
CA ASN B 171 20.43 16.81 -8.22
C ASN B 171 20.16 18.26 -7.88
N LEU B 172 19.11 18.78 -8.52
CA LEU B 172 18.49 20.03 -8.15
C LEU B 172 17.12 19.72 -7.59
N GLU B 173 16.57 20.64 -6.80
CA GLU B 173 15.25 20.45 -6.24
C GLU B 173 14.45 21.74 -6.23
N TYR B 174 13.17 21.64 -6.54
CA TYR B 174 12.21 22.68 -6.23
C TYR B 174 11.30 22.16 -5.15
N LEU B 175 11.32 22.80 -4.00
CA LEU B 175 10.53 22.32 -2.88
C LEU B 175 9.36 23.25 -2.58
N LEU B 176 8.17 22.69 -2.47
CA LEU B 176 7.01 23.48 -2.10
C LEU B 176 6.20 22.82 -0.97
N SER B 177 6.15 23.49 0.17
CA SER B 177 5.41 23.04 1.33
C SER B 177 4.21 23.94 1.58
N LYS B 178 3.01 23.39 1.59
CA LYS B 178 1.79 24.12 1.94
C LYS B 178 1.10 23.43 3.11
N GLU B 179 0.96 24.13 4.21
CA GLU B 179 0.28 23.59 5.38
C GLU B 179 -0.93 24.42 5.82
N ASP B 180 -2.02 23.74 6.14
CA ASP B 180 -3.23 24.39 6.59
C ASP B 180 -3.50 23.97 8.03
N ARG B 181 -3.42 24.93 8.96
CA ARG B 181 -3.62 24.63 10.37
C ARG B 181 -4.88 25.29 10.93
N ASN B 182 -5.82 25.60 10.04
CA ASN B 182 -7.11 26.15 10.42
C ASN B 182 -6.99 27.44 11.22
N ALA B 183 -7.34 27.38 12.50
CA ALA B 183 -7.32 28.56 13.36
C ALA B 183 -5.91 29.12 13.56
N TRP B 184 -4.89 28.29 13.38
CA TRP B 184 -3.50 28.71 13.53
C TRP B 184 -2.98 29.29 12.23
N GLY B 185 -3.88 29.49 11.27
CA GLY B 185 -3.50 30.05 10.00
C GLY B 185 -2.80 29.08 9.08
N LYS B 186 -2.09 29.64 8.11
CA LYS B 186 -1.47 28.89 7.05
C LYS B 186 0.02 29.10 7.08
N ARG B 187 0.76 28.10 6.63
CA ARG B 187 2.18 28.28 6.43
C ARG B 187 2.55 27.80 5.04
N GLN B 188 3.40 28.55 4.36
CA GLN B 188 3.90 28.11 3.07
C GLN B 188 5.41 28.28 2.98
N GLU B 189 6.08 27.23 2.52
CA GLU B 189 7.51 27.28 2.24
C GLU B 189 7.75 26.95 0.79
N GLN B 190 8.59 27.74 0.15
CA GLN B 190 8.91 27.53 -1.25
C GLN B 190 10.41 27.76 -1.41
N GLY B 191 11.06 26.96 -2.25
CA GLY B 191 12.48 27.14 -2.47
C GLY B 191 13.19 26.05 -3.25
N TYR B 192 14.51 26.15 -3.28
CA TYR B 192 15.32 25.27 -4.10
C TYR B 192 16.50 24.70 -3.33
N SER B 193 17.02 23.57 -3.78
CA SER B 193 18.24 23.04 -3.22
C SER B 193 19.09 22.34 -4.26
N ALA B 194 20.39 22.32 -4.02
CA ALA B 194 21.32 21.67 -4.90
C ALA B 194 22.11 20.67 -4.08
N LEU B 195 22.40 19.53 -4.68
CA LEU B 195 23.08 18.44 -3.99
C LEU B 195 24.15 17.82 -4.90
N PHE B 196 25.33 17.64 -4.34
CA PHE B 196 26.44 17.07 -5.05
C PHE B 196 27.14 16.04 -4.16
N LYS B 197 27.29 14.82 -4.66
CA LYS B 197 27.80 13.73 -3.83
C LYS B 197 28.85 12.86 -4.53
N PRO B 198 30.12 13.28 -4.47
CA PRO B 198 31.20 12.43 -4.99
C PRO B 198 31.38 11.18 -4.16
N TYR B 199 31.71 10.09 -4.83
CA TYR B 199 31.63 8.75 -4.27
C TYR B 199 32.68 7.84 -4.94
N LYS B 200 33.51 7.17 -4.16
CA LYS B 200 34.43 6.21 -4.72
C LYS B 200 34.32 4.89 -3.97
N ARG B 201 34.82 3.81 -4.57
CA ARG B 201 34.83 2.51 -3.93
C ARG B 201 36.18 1.84 -4.06
N PHE B 202 36.59 1.10 -3.02
CA PHE B 202 37.80 0.31 -3.12
C PHE B 202 37.71 -0.90 -2.19
N GLY B 203 37.80 -2.09 -2.78
CA GLY B 203 37.64 -3.32 -2.05
C GLY B 203 36.25 -3.39 -1.47
N ASN B 204 36.16 -3.57 -0.17
CA ASN B 204 34.86 -3.56 0.50
C ASN B 204 34.48 -2.17 1.03
N TRP B 205 35.22 -1.13 0.63
CA TRP B 205 34.89 0.21 1.09
C TRP B 205 34.14 1.03 0.06
N GLU B 206 33.31 1.94 0.58
CA GLU B 206 32.73 3.02 -0.21
C GLU B 206 32.94 4.30 0.60
N VAL B 207 33.50 5.32 -0.05
CA VAL B 207 33.63 6.62 0.60
C VAL B 207 32.93 7.67 -0.23
N GLY B 208 32.27 8.60 0.46
CA GLY B 208 31.58 9.68 -0.21
C GLY B 208 31.49 10.92 0.64
N VAL B 209 31.16 12.03 -0.01
CA VAL B 209 30.88 13.26 0.70
C VAL B 209 29.67 13.92 0.08
N GLU B 210 28.66 14.20 0.89
CA GLU B 210 27.51 14.94 0.43
C GLU B 210 27.73 16.43 0.66
N PHE B 211 27.64 17.22 -0.41
CA PHE B 211 27.61 18.68 -0.29
C PHE B 211 26.21 19.17 -0.57
N TYR B 212 25.65 19.97 0.33
CA TYR B 212 24.25 20.37 0.18
C TYR B 212 24.03 21.87 0.39
N TYR B 213 23.08 22.42 -0.35
CA TYR B 213 22.74 23.83 -0.22
C TYR B 213 21.29 24.09 -0.60
N GLN B 214 20.56 24.77 0.29
CA GLN B 214 19.15 25.06 0.08
C GLN B 214 18.79 26.52 0.39
N ILE B 215 17.92 27.10 -0.42
CA ILE B 215 17.37 28.42 -0.12
C ILE B 215 15.85 28.39 -0.21
N LYS B 216 15.20 29.02 0.75
CA LYS B 216 13.77 28.88 0.90
C LYS B 216 13.17 30.14 1.48
N THR B 217 11.93 30.44 1.10
CA THR B 217 11.21 31.57 1.65
C THR B 217 10.03 31.11 2.51
N ASN B 218 9.98 31.61 3.74
CA ASN B 218 8.92 31.26 4.68
C ASN B 218 7.82 32.31 4.78
N ASP B 219 6.58 31.86 4.78
CA ASP B 219 5.41 32.74 4.91
C ASP B 219 4.34 32.11 5.78
N GLU B 220 4.24 32.54 7.04
CA GLU B 220 3.15 32.10 7.92
C GLU B 220 2.17 33.25 8.24
N LYS B 221 0.91 33.09 7.84
CA LYS B 221 -0.13 34.07 8.16
C LYS B 221 -1.17 33.50 9.12
N GLN B 222 -1.85 34.39 9.85
CA GLN B 222 -2.99 34.02 10.67
C GLN B 222 -4.24 34.00 9.80
N PRO B 223 -5.33 33.38 10.28
CA PRO B 223 -6.53 33.31 9.43
C PRO B 223 -7.09 34.70 9.04
N ASP B 224 -6.99 35.70 9.91
CA ASP B 224 -7.49 37.04 9.59
C ASP B 224 -6.56 37.83 8.66
N GLY B 225 -5.40 37.25 8.35
CA GLY B 225 -4.43 37.87 7.46
C GLY B 225 -3.11 38.28 8.11
N THR B 226 -3.13 38.42 9.44
CA THR B 226 -1.97 38.87 10.20
C THR B 226 -0.74 37.99 9.94
N ILE B 227 0.43 38.61 9.78
CA ILE B 227 1.65 37.87 9.50
C ILE B 227 2.33 37.40 10.78
N ASN B 228 2.62 36.10 10.87
CA ASN B 228 3.45 35.61 11.96
C ASN B 228 4.92 35.62 11.55
N GLU B 229 5.17 35.35 10.28
CA GLU B 229 6.52 35.23 9.77
C GLU B 229 6.58 35.56 8.29
N LYS B 230 7.61 36.29 7.91
CA LYS B 230 7.99 36.40 6.53
C LYS B 230 9.51 36.44 6.57
N SER B 231 10.14 35.37 6.12
CA SER B 231 11.57 35.26 6.28
C SER B 231 12.23 34.49 5.16
N ASP B 232 13.53 34.74 4.99
CA ASP B 232 14.33 34.03 4.02
C ASP B 232 15.29 33.09 4.74
N PHE B 233 15.55 31.97 4.09
CA PHE B 233 16.26 30.86 4.70
C PHE B 233 17.33 30.35 3.77
N ASN B 234 18.46 29.97 4.34
CA ASN B 234 19.41 29.17 3.58
C ASN B 234 20.09 28.17 4.49
N GLU B 235 20.52 27.06 3.91
CA GLU B 235 21.20 26.03 4.68
C GLU B 235 22.27 25.46 3.82
N ARG B 236 23.37 25.07 4.44
CA ARG B 236 24.42 24.32 3.78
C ARG B 236 24.99 23.27 4.73
N TYR B 237 25.33 22.11 4.20
CA TYR B 237 26.11 21.20 5.02
C TYR B 237 27.10 20.38 4.20
N ILE B 238 28.04 19.75 4.89
CA ILE B 238 28.94 18.79 4.29
C ILE B 238 28.83 17.50 5.10
N GLU B 239 28.72 16.36 4.42
CA GLU B 239 28.45 15.11 5.11
C GLU B 239 29.25 13.94 4.54
N PRO B 240 30.47 13.73 5.05
CA PRO B 240 31.22 12.52 4.66
C PRO B 240 30.50 11.26 5.08
N ILE B 241 30.65 10.21 4.26
CA ILE B 241 30.06 8.92 4.55
C ILE B 241 31.07 7.81 4.24
N VAL B 242 31.20 6.87 5.17
CA VAL B 242 32.12 5.76 4.99
C VAL B 242 31.35 4.48 5.24
N GLN B 243 31.60 3.53 4.35
CA GLN B 243 30.87 2.28 4.30
C GLN B 243 31.85 1.11 4.20
N TYR B 244 31.66 0.09 5.02
CA TYR B 244 32.36 -1.16 4.79
C TYR B 244 31.38 -2.30 4.69
N SER B 245 31.50 -3.09 3.61
CA SER B 245 30.73 -4.33 3.44
C SER B 245 31.55 -5.55 3.83
N PHE B 246 30.93 -6.48 4.56
CA PHE B 246 31.58 -7.73 4.94
C PHE B 246 31.22 -8.85 3.98
N ASP B 247 32.13 -9.81 3.83
CA ASP B 247 31.95 -10.96 2.94
C ASP B 247 30.70 -11.74 3.26
N ASP B 248 30.54 -12.12 4.53
CA ASP B 248 29.30 -12.77 4.97
C ASP B 248 28.71 -12.07 6.21
N ALA B 249 27.94 -10.99 6.02
CA ALA B 249 27.58 -10.45 4.71
C ALA B 249 27.27 -8.95 4.75
N GLY B 250 26.89 -8.44 5.92
CA GLY B 250 26.30 -7.12 6.05
C GLY B 250 27.16 -5.89 5.80
N THR B 251 26.52 -4.71 5.87
CA THR B 251 27.20 -3.44 5.63
C THR B 251 27.12 -2.48 6.84
N LEU B 252 28.28 -2.07 7.34
CA LEU B 252 28.34 -1.09 8.42
C LEU B 252 28.67 0.27 7.83
N TYR B 253 28.06 1.32 8.37
CA TYR B 253 28.25 2.65 7.82
C TYR B 253 28.11 3.79 8.82
N THR B 254 28.72 4.92 8.49
CA THR B 254 28.65 6.10 9.33
C THR B 254 28.57 7.36 8.47
N ARG B 255 27.86 8.36 9.00
CA ARG B 255 27.73 9.65 8.36
C ARG B 255 27.96 10.72 9.41
N VAL B 256 28.80 11.70 9.10
CA VAL B 256 28.96 12.81 10.01
C VAL B 256 28.62 14.11 9.27
N ARG B 257 27.70 14.90 9.83
CA ARG B 257 27.29 16.14 9.18
C ARG B 257 27.74 17.37 9.95
N VAL B 258 28.24 18.34 9.20
CA VAL B 258 28.52 19.67 9.73
C VAL B 258 27.80 20.67 8.85
N GLY B 259 26.96 21.50 9.46
CA GLY B 259 26.15 22.42 8.68
C GLY B 259 25.77 23.68 9.41
N LYS B 260 25.37 24.68 8.65
CA LYS B 260 24.89 25.96 9.16
C LYS B 260 23.60 26.32 8.44
N ASN B 261 22.69 27.02 9.11
CA ASN B 261 21.62 27.66 8.37
C ASN B 261 21.29 29.02 8.97
N GLU B 262 20.71 29.89 8.16
CA GLU B 262 20.27 31.21 8.63
C GLU B 262 18.80 31.41 8.31
N THR B 263 18.12 32.16 9.18
CA THR B 263 16.74 32.55 8.92
C THR B 263 16.61 34.05 9.15
N LYS B 264 16.48 34.78 8.05
CA LYS B 264 16.47 36.22 8.08
C LYS B 264 15.06 36.79 7.88
N ASN B 265 14.49 37.32 8.95
CA ASN B 265 13.14 37.90 8.88
C ASN B 265 13.10 39.27 8.24
N THR B 266 12.13 39.47 7.34
CA THR B 266 11.88 40.79 6.77
C THR B 266 11.31 41.69 7.86
N ASP B 267 11.32 43.00 7.62
CA ASP B 267 10.84 43.93 8.64
C ASP B 267 9.32 43.96 8.72
N ARG B 268 8.67 42.97 8.09
CA ARG B 268 7.22 42.83 8.11
C ARG B 268 6.81 41.53 8.80
N SER B 269 7.79 40.84 9.35
CA SER B 269 7.57 39.57 10.04
C SER B 269 6.95 39.81 11.42
N GLY B 270 6.09 38.90 11.85
CA GLY B 270 5.28 39.09 13.03
C GLY B 270 6.00 39.00 14.36
N GLY B 271 5.43 39.67 15.36
CA GLY B 271 6.06 39.86 16.66
C GLY B 271 6.63 38.63 17.33
N GLY B 272 7.79 38.78 17.94
CA GLY B 272 8.55 40.01 17.85
C GLY B 272 9.84 39.76 17.09
N ASN B 273 9.70 39.36 15.82
CA ASN B 273 10.86 38.97 15.01
C ASN B 273 11.07 39.80 13.77
N ALA B 274 10.53 41.02 13.74
CA ALA B 274 10.79 41.92 12.63
C ALA B 274 12.27 42.29 12.60
N GLY B 275 12.91 42.04 11.46
CA GLY B 275 14.33 42.35 11.30
C GLY B 275 15.27 41.55 12.19
N ILE B 276 14.77 40.44 12.72
CA ILE B 276 15.57 39.56 13.57
C ILE B 276 16.10 38.38 12.74
N ASN B 277 17.38 38.05 12.95
CA ASN B 277 18.01 36.94 12.24
C ASN B 277 18.40 35.80 13.16
N TYR B 278 18.11 34.58 12.73
CA TYR B 278 18.45 33.37 13.48
C TYR B 278 19.59 32.57 12.82
N PHE B 279 20.55 32.14 13.62
CA PHE B 279 21.66 31.35 13.10
C PHE B 279 21.70 30.00 13.78
N LYS B 280 22.08 28.96 13.04
CA LYS B 280 22.10 27.62 13.60
C LYS B 280 23.34 26.86 13.13
N ASP B 281 23.97 26.18 14.08
CA ASP B 281 25.11 25.32 13.79
C ASP B 281 24.70 23.88 14.05
N ILE B 282 24.98 23.02 13.09
CA ILE B 282 24.38 21.69 13.05
C ILE B 282 25.42 20.59 13.05
N ARG B 283 25.18 19.60 13.89
CA ARG B 283 26.15 18.56 14.09
C ARG B 283 25.38 17.26 14.24
N LYS B 284 25.60 16.33 13.31
CA LYS B 284 24.92 15.04 13.33
C LYS B 284 25.89 13.87 13.16
N ALA B 285 25.64 12.79 13.88
CA ALA B 285 26.42 11.58 13.74
C ALA B 285 25.49 10.39 13.63
N THR B 286 25.77 9.51 12.66
CA THR B 286 24.89 8.37 12.39
C THR B 286 25.71 7.10 12.20
N VAL B 287 25.31 6.04 12.88
CA VAL B 287 25.87 4.72 12.60
C VAL B 287 24.76 3.72 12.32
N GLY B 288 24.92 2.90 11.28
CA GLY B 288 23.93 1.90 10.96
C GLY B 288 24.48 0.58 10.44
N TYR B 289 23.58 -0.39 10.28
CA TYR B 289 23.96 -1.72 9.81
C TYR B 289 22.81 -2.34 9.05
N GLU B 290 23.11 -2.80 7.82
CA GLU B 290 22.14 -3.37 6.90
C GLU B 290 22.60 -4.80 6.56
N GLN B 291 21.71 -5.78 6.70
CA GLN B 291 22.07 -7.19 6.47
C GLN B 291 20.97 -8.02 5.79
N SER B 292 21.35 -8.71 4.72
CA SER B 292 20.48 -9.68 4.07
C SER B 292 20.24 -10.88 4.97
N ILE B 293 19.03 -11.41 4.96
CA ILE B 293 18.69 -12.57 5.77
C ILE B 293 17.88 -13.52 4.88
N GLY B 294 18.61 -14.28 4.05
CA GLY B 294 18.00 -15.10 3.02
C GLY B 294 18.24 -14.51 1.64
N GLU B 295 17.31 -14.75 0.72
CA GLU B 295 17.42 -14.20 -0.61
C GLU B 295 16.37 -13.09 -0.79
N SER B 296 15.47 -12.99 0.17
CA SER B 296 14.37 -12.04 0.06
C SER B 296 14.42 -10.90 1.12
N TRP B 297 14.59 -11.24 2.38
CA TRP B 297 14.58 -10.24 3.44
C TRP B 297 15.87 -9.46 3.58
N VAL B 298 15.75 -8.15 3.74
CA VAL B 298 16.87 -7.35 4.21
C VAL B 298 16.44 -6.49 5.41
N ALA B 299 17.32 -6.38 6.40
CA ALA B 299 17.04 -5.65 7.64
C ALA B 299 18.09 -4.59 7.92
N LYS B 300 17.69 -3.52 8.59
CA LYS B 300 18.58 -2.39 8.83
C LYS B 300 18.20 -1.61 10.10
N ALA B 301 19.21 -1.32 10.90
CA ALA B 301 19.05 -0.57 12.15
C ALA B 301 19.92 0.65 12.10
N GLU B 302 19.44 1.74 12.68
CA GLU B 302 20.17 3.00 12.56
C GLU B 302 20.06 3.82 13.83
N TYR B 303 21.17 4.45 14.20
CA TYR B 303 21.15 5.37 15.31
C TYR B 303 21.67 6.72 14.84
N GLU B 304 21.05 7.79 15.32
CA GLU B 304 21.50 9.14 15.02
C GLU B 304 21.48 10.05 16.24
N TYR B 305 22.60 10.74 16.47
CA TYR B 305 22.68 11.85 17.41
C TYR B 305 22.73 13.16 16.65
N ALA B 306 21.88 14.11 17.02
CA ALA B 306 21.96 15.45 16.42
C ALA B 306 22.05 16.52 17.51
N ASN B 307 22.84 17.55 17.23
CA ASN B 307 22.97 18.66 18.15
C ASN B 307 22.82 19.93 17.34
N GLU B 308 21.89 20.80 17.75
CA GLU B 308 21.63 22.03 17.02
C GLU B 308 21.54 23.20 17.99
N VAL B 309 22.42 24.18 17.79
CA VAL B 309 22.46 25.37 18.64
C VAL B 309 22.01 26.60 17.85
N GLU B 310 21.04 27.33 18.38
CA GLU B 310 20.55 28.53 17.70
C GLU B 310 20.83 29.82 18.49
N LYS B 311 21.08 30.92 17.78
CA LYS B 311 21.20 32.24 18.41
C LYS B 311 20.59 33.33 17.53
N LYS B 312 20.02 34.36 18.15
CA LYS B 312 19.50 35.49 17.38
C LYS B 312 20.47 36.64 17.33
N SER B 313 20.27 37.50 16.34
CA SER B 313 21.07 38.69 16.14
C SER B 313 20.72 39.76 17.18
N ARG B 314 19.49 39.72 17.69
CA ARG B 314 19.03 40.63 18.74
C ARG B 314 18.05 39.95 19.68
N LEU B 315 18.20 40.17 20.99
CA LEU B 315 17.17 39.76 21.93
C LEU B 315 16.10 40.85 22.00
N SER B 316 14.97 40.53 22.61
CA SER B 316 13.81 41.42 22.58
C SER B 316 13.47 41.96 23.96
N GLY B 317 14.01 41.30 24.98
CA GLY B 317 13.79 41.74 26.35
C GLY B 317 13.27 40.60 27.21
N TRP B 318 12.53 39.68 26.61
CA TRP B 318 11.90 38.64 27.39
C TRP B 318 12.84 37.46 27.60
N GLU B 319 13.71 37.19 26.63
CA GLU B 319 14.57 36.00 26.66
C GLU B 319 15.48 35.96 27.87
N ALA B 320 15.74 34.75 28.36
CA ALA B 320 16.62 34.54 29.50
C ALA B 320 18.07 34.42 29.07
N ARG B 321 18.27 34.07 27.81
CA ARG B 321 19.61 33.87 27.26
C ARG B 321 19.54 33.89 25.74
N ASN B 322 20.65 34.20 25.09
CA ASN B 322 20.68 34.14 23.63
C ASN B 322 21.16 32.78 23.16
N LYS B 323 20.42 31.72 23.50
CA LYS B 323 20.79 30.37 23.11
C LYS B 323 19.63 29.39 23.14
N SER B 324 19.41 28.72 22.02
CA SER B 324 18.48 27.61 21.97
C SER B 324 19.21 26.36 21.45
N GLU B 325 19.20 25.31 22.26
CA GLU B 325 19.94 24.09 21.93
C GLU B 325 19.04 22.87 21.84
N LEU B 326 19.15 22.18 20.70
CA LEU B 326 18.48 20.90 20.47
C LEU B 326 19.42 19.71 20.65
N THR B 327 18.99 18.75 21.45
CA THR B 327 19.68 17.46 21.54
C THR B 327 18.72 16.34 21.09
N GLN B 328 19.06 15.67 19.99
CA GLN B 328 18.18 14.67 19.43
C GLN B 328 18.81 13.27 19.28
N HIS B 329 18.07 12.26 19.72
CA HIS B 329 18.46 10.86 19.58
C HIS B 329 17.40 10.12 18.77
N THR B 330 17.84 9.44 17.71
CA THR B 330 16.91 8.77 16.80
C THR B 330 17.24 7.30 16.57
N PHE B 331 16.23 6.45 16.70
CA PHE B 331 16.42 5.03 16.46
C PHE B 331 15.49 4.58 15.33
N TYR B 332 16.08 4.02 14.29
CA TYR B 332 15.32 3.53 13.14
C TYR B 332 15.59 2.06 12.89
N ALA B 333 14.54 1.30 12.67
CA ALA B 333 14.65 -0.10 12.30
C ALA B 333 13.74 -0.38 11.13
N GLN B 334 14.25 -1.15 10.17
CA GLN B 334 13.59 -1.39 8.90
C GLN B 334 13.75 -2.85 8.44
N ALA B 335 12.65 -3.53 8.07
CA ALA B 335 12.76 -4.87 7.48
C ALA B 335 12.05 -4.94 6.13
N LEU B 336 12.80 -5.28 5.09
CA LEU B 336 12.24 -5.34 3.75
C LEU B 336 12.09 -6.76 3.24
N TYR B 337 10.97 -7.04 2.59
CA TYR B 337 10.84 -8.30 1.85
C TYR B 337 10.94 -7.98 0.33
N ARG B 338 12.01 -8.51 -0.30
CA ARG B 338 12.36 -8.31 -1.72
C ARG B 338 11.72 -9.24 -2.72
N PHE B 339 11.42 -8.69 -3.89
CA PHE B 339 10.84 -9.51 -4.96
C PHE B 339 11.27 -8.98 -6.34
C7 C8E C . -5.47 -18.99 9.50
C8 C8E C . -4.28 -19.94 9.51
O9 C8E C . -4.47 -20.97 10.49
C10 C8E C . -5.56 -21.83 10.18
C11 C8E C . -5.64 -23.03 11.14
O12 C8E C . -5.78 -24.21 10.35
C13 C8E C . -6.13 -25.38 11.06
C14 C8E C . -5.54 -26.60 10.36
O15 C8E C . -6.46 -27.07 9.40
C16 C8E C . -6.86 -28.43 9.55
C17 C8E C . -6.84 -29.13 8.19
O18 C8E C . -8.12 -29.52 7.71
C19 C8E C . -9.07 -29.84 8.72
C20 C8E C . -10.42 -29.20 8.43
O21 C8E C . -11.09 -28.94 9.65
C2 C8E D . -30.04 -15.03 -11.58
C3 C8E D . -30.58 -13.60 -11.51
C4 C8E D . -29.45 -12.59 -11.64
C5 C8E D . -29.89 -11.22 -11.16
C6 C8E D . -29.79 -10.16 -12.24
C7 C8E D . -30.19 -8.79 -11.72
C8 C8E D . -29.93 -7.70 -12.75
O9 C8E D . -29.22 -6.65 -12.14
C10 C8E D . -28.73 -5.69 -13.05
C11 C8E D . -28.69 -4.33 -12.37
O12 C8E D . -28.18 -3.38 -13.28
C13 C8E D . -27.28 -2.50 -12.66
C14 C8E D . -26.58 -1.65 -13.72
O15 C8E D . -27.07 -0.33 -13.65
C16 C8E D . -26.02 0.60 -13.67
C17 C8E D . -26.16 1.62 -14.81
O18 C8E D . -25.59 2.85 -14.40
C19 C8E D . -24.33 2.69 -13.77
C20 C8E D . -23.40 3.84 -14.11
O21 C8E D . -22.30 3.38 -14.86
C1 C8E E . -36.54 11.95 -8.11
C2 C8E E . -35.91 10.69 -8.69
C3 C8E E . -35.55 9.72 -7.57
C4 C8E E . -35.90 8.28 -7.91
C5 C8E E . -34.69 7.48 -8.38
C6 C8E E . -35.19 6.23 -9.10
C7 C8E E . -34.14 5.38 -9.79
C8 C8E E . -34.87 4.36 -10.66
O9 C8E E . -34.02 3.59 -11.49
C10 C8E E . -34.77 2.97 -12.53
C11 C8E E . -34.44 1.49 -12.66
O12 C8E E . -35.58 0.73 -12.31
C13 C8E E . -35.29 -0.65 -12.12
C1 C8E F . -17.54 6.95 -13.05
C2 C8E F . -19.00 6.66 -13.33
C3 C8E F . -19.86 7.09 -12.13
C4 C8E F . -21.33 6.71 -12.26
C5 C8E F . -22.17 7.84 -12.85
C6 C8E F . -23.59 7.38 -13.12
C4 C8E G . -2.53 3.57 -3.19
C5 C8E G . -1.73 2.33 -2.79
C6 C8E G . -0.34 2.33 -3.44
C7 C8E G . -0.08 1.09 -4.29
C8 C8E G . 1.11 1.32 -5.22
O9 C8E G . 0.82 1.13 -6.59
C10 C8E G . 1.01 -0.21 -7.01
C11 C8E G . 1.48 -0.27 -8.47
O12 C8E G . 2.11 -1.50 -8.72
C13 C8E G . 3.01 -1.46 -9.80
C14 C8E G . 3.66 -2.83 -10.04
O15 C8E G . 3.96 -3.47 -8.81
C16 C8E G . 4.89 -4.53 -8.91
C17 C8E G . 4.33 -5.64 -9.79
O18 C8E G . 4.70 -6.91 -9.30
C19 C8E G . 3.74 -7.44 -8.41
C20 C8E G . 2.94 -8.50 -9.15
O21 C8E G . 1.62 -8.53 -8.64
C1 C8E H . -6.46 21.79 3.30
C2 C8E H . -5.38 22.51 2.49
C3 C8E H . -4.70 21.55 1.53
C4 C8E H . -3.25 21.94 1.20
C5 C8E H . -2.96 21.78 -0.29
C6 C8E H . -4.11 21.20 -1.11
C7 C8E H . -3.83 19.80 -1.66
C8 C8E H . -4.40 19.61 -3.06
O9 C8E H . -3.73 18.58 -3.76
C10 C8E H . -4.62 17.84 -4.54
C11 C8E H . -3.91 17.14 -5.69
O12 C8E H . -4.90 16.60 -6.52
C13 C8E H . -4.66 15.29 -6.97
C14 C8E H . -5.75 14.94 -7.97
C1 C8E I . -11.17 -10.02 20.96
C2 C8E I . -12.10 -10.75 19.98
C3 C8E I . -11.34 -11.43 18.87
C4 C8E I . -12.13 -12.52 18.16
C5 C8E I . -12.59 -12.06 16.78
C6 C8E I . -12.22 -13.01 15.65
C2 C8E J . -28.50 3.75 0.93
C3 C8E J . -27.58 2.53 0.58
C4 C8E J . -28.40 1.30 0.15
C5 C8E J . -27.34 0.23 -0.01
C6 C8E J . -28.04 -1.10 -0.38
C7 C8E J . -27.17 -2.24 0.25
C8 C8E J . -27.76 -3.64 -0.13
O9 C8E J . -26.72 -4.50 0.41
C10 C8E J . -26.94 -5.89 -0.01
C8 C8E K . -13.07 11.43 -7.69
O9 C8E K . -14.16 12.41 -7.96
C10 C8E K . -14.04 13.63 -7.16
C11 C8E K . -15.21 14.18 -7.94
O12 C8E K . -16.18 14.54 -6.91
C13 C8E K . -17.60 14.25 -7.27
C14 C8E K . -18.18 15.34 -6.38
C8 C8E L . -5.45 6.96 -1.53
O9 C8E L . -5.59 8.05 -0.62
C10 C8E L . -6.35 7.69 0.51
C11 C8E L . -6.49 8.88 1.46
O12 C8E L . -5.75 8.67 2.65
C13 C8E L . -6.55 8.76 3.82
C14 C8E L . -5.92 9.77 4.75
O15 C8E L . -4.53 9.70 4.59
C16 C8E L . -3.80 10.58 5.42
C17 C8E L . -2.69 11.21 4.62
O18 C8E L . -3.23 12.21 3.80
C19 C8E L . -3.29 11.85 2.44
C20 C8E L . -4.39 12.62 1.74
O21 C8E L . -5.10 11.73 0.91
#